data_6L3Y
#
_entry.id   6L3Y
#
_cell.length_a   299.841
_cell.length_b   52.831
_cell.length_c   70.440
_cell.angle_alpha   90.000
_cell.angle_beta   90.000
_cell.angle_gamma   90.000
#
_symmetry.space_group_name_H-M   'P 21 21 2'
#
loop_
_entity.id
_entity.type
_entity.pdbx_description
1 polymer 'Lysine--tRNA ligase'
2 non-polymer LYSINE
3 non-polymer (3R)-3-[[(3S)-3-ethylpiperidin-1-yl]methyl]-6,8-bis(oxidanyl)-3,4-dihydroisochromen-1-one
4 non-polymer 'PHOSPHATE ION'
5 water water
#
_entity_poly.entity_id   1
_entity_poly.type   'polypeptide(L)'
_entity_poly.pdbx_seq_one_letter_code
;EVDPRLYFENRSKFIQDQKDKGINPYPHKFERTISIPEFIEKYKDLGNGEHLEDTILNITGRIMRVSASGQKLRFFDLVG
DGEKIQVLANYSFHNHEKGNFAECYDKIRRGDIVGIVGFPGKSKKGELSIFPKETILLSACLHMLPMKYGLKDTEIRYRQ
RYLDLLINESSRHTFVTRTKIINFLRNFLNERGFFEVETPMMNLIAGGANARPFITHHNDLDLDLYLRIATELPLKMLIV
GGIDKVYEIGKVFRNEGIDNTHNPEFTSCEFYWAYADYNDLIKWSEDFFSQLVYHLFGTYKISYNKDGPENQPIEIDFTP
PYPKVSIVEEIEKVTNTILEQPFDSNETIEKMINIIKEHKIELPNPPTAAKLLDQLASHFIENKYNDKPFFIVEHPQIMS
PLAKYHRTKPGLTERLEMFICGKEVLNAYTELNDPFKQKECFKLQQKDREKGDTEAAQLDSAFCTSLEYGLPPTGGLGLG
IDRITMFLTNKNSIKDVILFPTMRPAN
;
_entity_poly.pdbx_strand_id   B,A
#
loop_
_chem_comp.id
_chem_comp.type
_chem_comp.name
_chem_comp.formula
E5C non-polymer (3R)-3-[[(3S)-3-ethylpiperidin-1-yl]methyl]-6,8-bis(oxidanyl)-3,4-dihydroisochromen-1-one 'C17 H23 N O4'
PO4 non-polymer 'PHOSPHATE ION' 'O4 P -3'
#
# COMPACT_ATOMS: atom_id res chain seq x y z
N PRO A 4 35.49 -20.93 -8.06
CA PRO A 4 35.02 -21.71 -6.91
C PRO A 4 34.70 -20.83 -5.71
N ARG A 5 34.47 -21.45 -4.55
CA ARG A 5 34.27 -20.69 -3.32
C ARG A 5 35.59 -20.21 -2.71
N LEU A 6 36.72 -20.64 -3.25
CA LEU A 6 38.00 -20.10 -2.81
C LEU A 6 38.10 -18.61 -3.09
N TYR A 7 37.41 -18.13 -4.12
CA TYR A 7 37.30 -16.70 -4.37
C TYR A 7 36.69 -15.98 -3.17
N PHE A 8 35.69 -16.61 -2.53
CA PHE A 8 35.07 -16.01 -1.35
C PHE A 8 35.99 -16.09 -0.14
N GLU A 9 36.72 -17.20 0.01
CA GLU A 9 37.61 -17.33 1.15
C GLU A 9 38.78 -16.37 1.05
N ASN A 10 39.33 -16.18 -0.16
CA ASN A 10 40.43 -15.23 -0.33
C ASN A 10 39.95 -13.79 -0.17
N ARG A 11 38.71 -13.50 -0.58
CA ARG A 11 38.18 -12.15 -0.38
C ARG A 11 37.91 -11.87 1.09
N SER A 12 37.55 -12.90 1.86
CA SER A 12 37.34 -12.70 3.29
C SER A 12 38.66 -12.55 4.03
N LYS A 13 39.68 -13.34 3.65
CA LYS A 13 41.00 -13.15 4.20
C LYS A 13 41.58 -11.80 3.80
N PHE A 14 41.30 -11.37 2.56
CA PHE A 14 41.72 -10.04 2.13
C PHE A 14 41.07 -8.94 2.96
N ILE A 15 39.82 -9.15 3.39
CA ILE A 15 39.07 -8.08 4.03
C ILE A 15 39.41 -7.96 5.51
N GLN A 16 39.94 -9.01 6.13
CA GLN A 16 40.44 -8.91 7.50
C GLN A 16 41.88 -8.44 7.54
N ASP A 17 42.67 -8.77 6.52
CA ASP A 17 44.04 -8.27 6.43
C ASP A 17 44.06 -6.76 6.20
N GLN A 18 43.10 -6.25 5.44
CA GLN A 18 42.99 -4.80 5.26
C GLN A 18 42.59 -4.12 6.56
N LYS A 19 41.76 -4.78 7.37
CA LYS A 19 41.45 -4.25 8.70
C LYS A 19 42.69 -4.21 9.58
N ASP A 20 43.55 -5.23 9.46
CA ASP A 20 44.75 -5.30 10.29
C ASP A 20 45.77 -4.24 9.89
N LYS A 21 45.85 -3.89 8.62
CA LYS A 21 46.77 -2.86 8.15
C LYS A 21 46.27 -1.44 8.42
N GLY A 22 45.21 -1.29 9.22
CA GLY A 22 44.74 0.03 9.58
C GLY A 22 43.78 0.67 8.62
N ILE A 23 43.20 -0.10 7.70
CA ILE A 23 42.28 0.42 6.69
C ILE A 23 40.90 -0.18 6.93
N ASN A 24 39.87 0.64 6.77
CA ASN A 24 38.50 0.18 6.95
C ASN A 24 37.90 -0.18 5.60
N PRO A 25 37.63 -1.47 5.35
CA PRO A 25 37.04 -1.83 4.05
C PRO A 25 35.58 -1.44 3.91
N TYR A 26 34.88 -1.17 5.02
CA TYR A 26 33.48 -0.73 5.00
C TYR A 26 33.39 0.64 5.65
N PRO A 27 33.78 1.70 4.95
CA PRO A 27 33.68 3.05 5.52
C PRO A 27 32.23 3.46 5.73
N HIS A 28 32.05 4.49 6.56
CA HIS A 28 30.71 4.85 7.01
C HIS A 28 30.01 5.78 6.04
N LYS A 29 30.67 6.87 5.65
CA LYS A 29 30.04 7.90 4.83
C LYS A 29 30.98 8.36 3.73
N PHE A 30 30.48 8.33 2.49
CA PHE A 30 31.15 8.94 1.35
C PHE A 30 30.21 9.95 0.73
N GLU A 31 30.65 11.20 0.63
CA GLU A 31 29.81 12.29 0.15
C GLU A 31 29.89 12.34 -1.37
N ARG A 32 28.97 11.63 -2.03
CA ARG A 32 28.87 11.70 -3.47
C ARG A 32 28.03 12.91 -3.88
N THR A 33 28.41 13.54 -4.99
CA THR A 33 27.76 14.76 -5.44
C THR A 33 27.04 14.59 -6.77
N ILE A 34 27.01 13.39 -7.33
CA ILE A 34 26.31 13.15 -8.59
C ILE A 34 26.08 11.65 -8.72
N SER A 35 24.93 11.29 -9.29
CA SER A 35 24.61 9.90 -9.56
C SER A 35 24.97 9.55 -10.99
N ILE A 36 25.04 8.24 -11.27
CA ILE A 36 25.42 7.78 -12.60
C ILE A 36 24.43 8.24 -13.67
N PRO A 37 23.10 8.12 -13.48
CA PRO A 37 22.20 8.70 -14.49
C PRO A 37 22.37 10.19 -14.67
N GLU A 38 22.60 10.93 -13.58
CA GLU A 38 22.87 12.35 -13.71
C GLU A 38 24.18 12.60 -14.43
N PHE A 39 25.19 11.78 -14.17
CA PHE A 39 26.47 11.91 -14.87
C PHE A 39 26.30 11.76 -16.37
N ILE A 40 25.47 10.79 -16.79
CA ILE A 40 25.20 10.62 -18.21
C ILE A 40 24.41 11.81 -18.74
N GLU A 41 23.33 12.19 -18.03
CA GLU A 41 22.45 13.25 -18.53
C GLU A 41 23.19 14.58 -18.69
N LYS A 42 24.19 14.83 -17.87
CA LYS A 42 24.90 16.10 -17.92
C LYS A 42 26.06 16.11 -18.91
N TYR A 43 26.73 14.97 -19.11
CA TYR A 43 27.94 14.93 -19.92
C TYR A 43 27.85 13.92 -21.07
N LYS A 44 26.64 13.58 -21.53
CA LYS A 44 26.54 12.67 -22.67
C LYS A 44 26.87 13.37 -23.98
N ASP A 45 26.47 14.64 -24.13
CA ASP A 45 26.74 15.41 -25.34
C ASP A 45 28.06 16.14 -25.16
N LEU A 46 29.14 15.39 -25.28
CA LEU A 46 30.49 15.91 -25.18
C LEU A 46 31.28 15.56 -26.45
N GLY A 47 32.39 16.26 -26.64
CA GLY A 47 33.27 15.95 -27.74
C GLY A 47 34.17 14.77 -27.43
N ASN A 48 34.53 14.04 -28.48
CA ASN A 48 35.40 12.88 -28.32
C ASN A 48 36.77 13.31 -27.81
N GLY A 49 37.15 12.79 -26.64
CA GLY A 49 38.41 13.15 -26.03
C GLY A 49 38.39 14.41 -25.18
N GLU A 50 37.27 15.13 -25.17
CA GLU A 50 37.19 16.38 -24.40
C GLU A 50 37.15 16.07 -22.90
N HIS A 51 37.96 16.79 -22.13
CA HIS A 51 38.01 16.65 -20.69
C HIS A 51 37.48 17.91 -20.02
N LEU A 52 36.63 17.72 -19.01
CA LEU A 52 36.25 18.82 -18.11
C LEU A 52 37.25 18.84 -16.96
N GLU A 53 38.39 19.48 -17.22
CA GLU A 53 39.53 19.40 -16.33
C GLU A 53 39.30 20.09 -15.00
N ASP A 54 38.34 21.01 -14.91
CA ASP A 54 38.19 21.85 -13.74
C ASP A 54 36.96 21.52 -12.90
N THR A 55 36.17 20.52 -13.29
CA THR A 55 34.99 20.11 -12.54
C THR A 55 35.27 18.78 -11.88
N ILE A 56 35.45 18.79 -10.57
CA ILE A 56 35.77 17.60 -9.79
C ILE A 56 34.49 17.05 -9.19
N LEU A 57 34.13 15.82 -9.56
CA LEU A 57 32.92 15.17 -9.09
C LEU A 57 33.27 14.00 -8.18
N ASN A 58 32.40 13.75 -7.21
CA ASN A 58 32.47 12.57 -6.36
C ASN A 58 31.34 11.63 -6.74
N ILE A 59 31.71 10.46 -7.26
CA ILE A 59 30.73 9.52 -7.81
C ILE A 59 30.91 8.17 -7.15
N THR A 60 29.85 7.37 -7.18
CA THR A 60 29.83 6.03 -6.62
C THR A 60 29.30 5.05 -7.65
N GLY A 61 29.22 3.79 -7.26
CA GLY A 61 28.70 2.76 -8.13
C GLY A 61 29.35 1.42 -7.83
N ARG A 62 28.88 0.40 -8.52
CA ARG A 62 29.38 -0.95 -8.39
C ARG A 62 30.24 -1.30 -9.60
N ILE A 63 31.45 -1.78 -9.35
CA ILE A 63 32.35 -2.18 -10.43
C ILE A 63 31.80 -3.46 -11.06
N MET A 64 31.60 -3.43 -12.38
CA MET A 64 31.06 -4.58 -13.09
C MET A 64 32.01 -5.18 -14.12
N ARG A 65 33.11 -4.50 -14.46
CA ARG A 65 34.11 -5.09 -15.34
C ARG A 65 35.48 -4.54 -14.97
N VAL A 66 36.46 -5.44 -14.87
CA VAL A 66 37.84 -5.09 -14.61
C VAL A 66 38.68 -5.58 -15.78
N SER A 67 39.37 -4.66 -16.45
CA SER A 67 40.12 -4.98 -17.65
C SER A 67 41.59 -5.24 -17.31
N ALA A 68 42.42 -5.32 -18.35
CA ALA A 68 43.80 -5.75 -18.20
C ALA A 68 44.56 -4.88 -17.20
N SER A 69 45.38 -5.52 -16.38
CA SER A 69 46.10 -4.84 -15.30
C SER A 69 47.37 -4.13 -15.77
N GLY A 70 47.30 -3.41 -16.87
CA GLY A 70 48.41 -2.57 -17.26
C GLY A 70 48.68 -1.50 -16.21
N GLN A 71 49.95 -1.19 -16.00
CA GLN A 71 50.37 -0.36 -14.88
C GLN A 71 50.34 1.13 -15.20
N LYS A 72 49.55 1.55 -16.18
CA LYS A 72 49.41 2.99 -16.46
C LYS A 72 47.96 3.36 -16.72
N LEU A 73 47.24 2.54 -17.49
CA LEU A 73 45.83 2.76 -17.77
C LEU A 73 45.01 1.59 -17.26
N ARG A 74 43.89 1.89 -16.59
CA ARG A 74 42.97 0.88 -16.08
C ARG A 74 41.55 1.26 -16.48
N PHE A 75 40.84 0.31 -17.06
CA PHE A 75 39.48 0.52 -17.54
C PHE A 75 38.50 -0.27 -16.68
N PHE A 76 37.49 0.41 -16.15
CA PHE A 76 36.46 -0.20 -15.32
C PHE A 76 35.08 0.15 -15.84
N ASP A 77 34.12 -0.74 -15.62
CA ASP A 77 32.71 -0.49 -15.91
C ASP A 77 32.01 -0.18 -14.59
N LEU A 78 31.63 1.08 -14.40
CA LEU A 78 30.94 1.51 -13.18
C LEU A 78 29.47 1.69 -13.50
N VAL A 79 28.63 0.89 -12.84
CA VAL A 79 27.19 0.94 -13.06
C VAL A 79 26.53 1.54 -11.82
N GLY A 80 25.38 2.16 -12.04
CA GLY A 80 24.62 2.78 -10.96
C GLY A 80 23.23 3.17 -11.39
N ASP A 81 22.21 2.65 -10.69
CA ASP A 81 20.81 2.92 -10.99
C ASP A 81 20.45 2.51 -12.41
N GLY A 82 20.93 1.33 -12.82
CA GLY A 82 20.58 0.77 -14.10
C GLY A 82 21.31 1.33 -15.30
N GLU A 83 22.25 2.24 -15.10
CA GLU A 83 23.02 2.83 -16.19
C GLU A 83 24.51 2.78 -15.85
N LYS A 84 25.33 2.70 -16.90
CA LYS A 84 26.74 2.39 -16.75
C LYS A 84 27.60 3.45 -17.46
N ILE A 85 28.68 3.86 -16.79
CA ILE A 85 29.72 4.68 -17.39
C ILE A 85 31.04 3.94 -17.23
N GLN A 86 32.03 4.35 -18.02
CA GLN A 86 33.35 3.75 -17.95
C GLN A 86 34.22 4.52 -16.98
N VAL A 87 35.20 3.82 -16.40
CA VAL A 87 36.18 4.41 -15.50
C VAL A 87 37.55 4.31 -16.17
N LEU A 88 38.21 5.44 -16.37
CA LEU A 88 39.50 5.51 -17.04
C LEU A 88 40.53 6.02 -16.04
N ALA A 89 41.16 5.10 -15.32
CA ALA A 89 42.16 5.44 -14.31
C ALA A 89 43.52 5.51 -14.98
N ASN A 90 44.09 6.72 -15.04
CA ASN A 90 45.40 6.95 -15.63
C ASN A 90 46.43 7.12 -14.52
N TYR A 91 47.60 6.48 -14.70
CA TYR A 91 48.67 6.62 -13.73
C TYR A 91 49.09 8.08 -13.57
N SER A 92 49.10 8.83 -14.67
CA SER A 92 49.46 10.25 -14.60
C SER A 92 48.49 11.01 -13.70
N PHE A 93 47.20 10.76 -13.86
CA PHE A 93 46.15 11.53 -13.19
C PHE A 93 45.97 11.15 -11.73
N HIS A 94 46.67 10.13 -11.23
CA HIS A 94 46.42 9.57 -9.91
C HIS A 94 47.20 10.31 -8.84
N ASN A 95 46.49 10.77 -7.81
CA ASN A 95 47.12 11.44 -6.67
C ASN A 95 47.93 10.42 -5.88
N HIS A 96 49.26 10.49 -6.02
CA HIS A 96 50.14 9.50 -5.38
C HIS A 96 50.28 9.69 -3.88
N GLU A 97 49.84 10.83 -3.33
CA GLU A 97 49.95 11.06 -1.90
C GLU A 97 48.99 10.21 -1.09
N LYS A 98 48.02 9.54 -1.74
CA LYS A 98 47.11 8.64 -1.07
C LYS A 98 47.53 7.18 -1.18
N GLY A 99 48.49 6.88 -2.03
CA GLY A 99 48.94 5.51 -2.23
C GLY A 99 49.42 5.30 -3.64
N ASN A 100 50.13 4.19 -3.83
CA ASN A 100 50.63 3.85 -5.14
C ASN A 100 49.48 3.48 -6.07
N PHE A 101 49.60 3.91 -7.33
CA PHE A 101 48.53 3.68 -8.30
C PHE A 101 48.24 2.19 -8.48
N ALA A 102 49.29 1.37 -8.59
CA ALA A 102 49.09 -0.05 -8.82
C ALA A 102 48.45 -0.73 -7.62
N GLU A 103 48.83 -0.31 -6.41
CA GLU A 103 48.33 -0.97 -5.20
C GLU A 103 46.88 -0.58 -4.91
N CYS A 104 46.50 0.67 -5.16
CA CYS A 104 45.15 1.13 -4.91
C CYS A 104 44.14 0.66 -5.93
N TYR A 105 44.57 -0.08 -6.96
CA TYR A 105 43.66 -0.58 -7.99
C TYR A 105 43.72 -2.08 -8.19
N ASP A 106 44.75 -2.77 -7.70
CA ASP A 106 44.77 -4.23 -7.79
C ASP A 106 43.75 -4.86 -6.85
N LYS A 107 43.39 -4.16 -5.77
CA LYS A 107 42.42 -4.69 -4.83
C LYS A 107 41.01 -4.68 -5.42
N ILE A 108 40.74 -3.79 -6.36
CA ILE A 108 39.39 -3.61 -6.89
C ILE A 108 38.99 -4.86 -7.67
N ARG A 109 37.89 -5.47 -7.27
CA ARG A 109 37.34 -6.64 -7.93
C ARG A 109 35.98 -6.30 -8.53
N ARG A 110 35.58 -7.11 -9.52
CA ARG A 110 34.27 -6.96 -10.12
C ARG A 110 33.18 -7.21 -9.08
N GLY A 111 32.30 -6.24 -8.89
CA GLY A 111 31.28 -6.29 -7.87
C GLY A 111 31.49 -5.31 -6.72
N ASP A 112 32.68 -4.70 -6.63
CA ASP A 112 32.96 -3.79 -5.54
C ASP A 112 32.20 -2.49 -5.69
N ILE A 113 31.68 -1.99 -4.57
CA ILE A 113 31.07 -0.67 -4.51
C ILE A 113 32.18 0.32 -4.15
N VAL A 114 32.51 1.21 -5.09
CA VAL A 114 33.64 2.11 -4.93
C VAL A 114 33.16 3.55 -5.00
N GLY A 115 33.95 4.43 -4.38
CA GLY A 115 33.74 5.86 -4.47
C GLY A 115 34.87 6.54 -5.20
N ILE A 116 34.56 7.26 -6.27
CA ILE A 116 35.56 7.79 -7.19
C ILE A 116 35.54 9.31 -7.13
N VAL A 117 36.73 9.91 -7.01
CA VAL A 117 36.90 11.36 -7.07
C VAL A 117 37.68 11.67 -8.35
N GLY A 118 37.01 12.27 -9.31
CA GLY A 118 37.63 12.58 -10.59
C GLY A 118 36.92 13.67 -11.33
N PHE A 119 37.04 13.65 -12.66
CA PHE A 119 36.42 14.64 -13.52
C PHE A 119 35.80 13.96 -14.73
N PRO A 120 34.72 14.51 -15.28
CA PRO A 120 34.06 13.87 -16.42
C PRO A 120 34.83 14.12 -17.72
N GLY A 121 34.44 13.35 -18.73
CA GLY A 121 35.07 13.45 -20.03
C GLY A 121 34.78 12.22 -20.85
N LYS A 122 35.35 12.20 -22.05
CA LYS A 122 35.24 11.07 -22.96
C LYS A 122 36.62 10.59 -23.37
N SER A 123 36.72 9.29 -23.59
CA SER A 123 37.91 8.74 -24.23
C SER A 123 37.92 9.12 -25.70
N LYS A 124 39.10 9.07 -26.31
CA LYS A 124 39.22 9.44 -27.72
C LYS A 124 38.47 8.47 -28.63
N LYS A 125 38.12 7.28 -28.14
CA LYS A 125 37.31 6.35 -28.93
C LYS A 125 35.83 6.71 -28.91
N GLY A 126 35.39 7.54 -27.96
CA GLY A 126 34.02 8.01 -27.94
C GLY A 126 33.22 7.59 -26.72
N GLU A 127 33.82 6.89 -25.76
CA GLU A 127 33.11 6.41 -24.60
C GLU A 127 33.12 7.45 -23.48
N LEU A 128 31.94 7.77 -22.96
CA LEU A 128 31.83 8.66 -21.83
C LEU A 128 32.42 7.98 -20.58
N SER A 129 33.34 8.68 -19.91
CA SER A 129 34.09 8.07 -18.82
C SER A 129 34.28 9.06 -17.69
N ILE A 130 34.62 8.52 -16.52
CA ILE A 130 35.04 9.29 -15.36
C ILE A 130 36.52 9.03 -15.13
N PHE A 131 37.31 10.09 -14.93
CA PHE A 131 38.76 9.97 -14.82
C PHE A 131 39.17 10.16 -13.37
N PRO A 132 39.42 9.09 -12.61
CA PRO A 132 39.68 9.23 -11.18
C PRO A 132 41.05 9.82 -10.89
N LYS A 133 41.14 10.52 -9.76
CA LYS A 133 42.42 10.84 -9.14
C LYS A 133 42.59 10.14 -7.80
N GLU A 134 41.57 9.45 -7.31
CA GLU A 134 41.64 8.55 -6.17
C GLU A 134 40.34 7.77 -6.08
N THR A 135 40.45 6.47 -5.80
CA THR A 135 39.30 5.59 -5.70
C THR A 135 39.36 4.82 -4.40
N ILE A 136 38.24 4.79 -3.67
CA ILE A 136 38.15 4.17 -2.36
C ILE A 136 37.09 3.08 -2.39
N LEU A 137 37.41 1.92 -1.81
CA LEU A 137 36.45 0.83 -1.70
C LEU A 137 35.46 1.14 -0.58
N LEU A 138 34.17 1.14 -0.92
CA LEU A 138 33.11 1.39 0.07
C LEU A 138 32.51 0.10 0.61
N SER A 139 32.34 -0.92 -0.23
CA SER A 139 31.79 -2.20 0.20
C SER A 139 32.24 -3.26 -0.79
N ALA A 140 33.03 -4.22 -0.32
CA ALA A 140 33.58 -5.24 -1.19
C ALA A 140 32.58 -6.36 -1.45
N CYS A 141 32.57 -6.86 -2.69
CA CYS A 141 31.78 -8.03 -3.05
C CYS A 141 32.66 -9.26 -2.89
N LEU A 142 32.28 -10.13 -1.96
CA LEU A 142 33.13 -11.27 -1.61
C LEU A 142 32.93 -12.46 -2.53
N HIS A 143 31.80 -12.55 -3.22
CA HIS A 143 31.52 -13.68 -4.10
C HIS A 143 31.80 -13.32 -5.55
N MET A 144 32.01 -14.36 -6.36
CA MET A 144 32.23 -14.19 -7.79
C MET A 144 30.89 -13.93 -8.47
N LEU A 145 30.74 -12.76 -9.07
CA LEU A 145 29.48 -12.41 -9.71
C LEU A 145 29.30 -13.20 -11.00
N PRO A 146 28.08 -13.64 -11.31
CA PRO A 146 27.85 -14.37 -12.56
C PRO A 146 27.95 -13.44 -13.77
N MET A 147 28.02 -14.05 -14.95
CA MET A 147 28.14 -13.31 -16.19
C MET A 147 26.76 -12.83 -16.65
N LYS A 148 26.74 -12.13 -17.78
CA LYS A 148 25.49 -11.65 -18.35
C LYS A 148 24.58 -12.83 -18.69
N TYR A 149 23.34 -12.76 -18.21
CA TYR A 149 22.35 -13.81 -18.42
C TYR A 149 22.83 -15.17 -17.92
N GLY A 150 23.65 -15.17 -16.87
CA GLY A 150 24.04 -16.37 -16.18
C GLY A 150 22.98 -16.98 -15.27
N LEU A 151 21.75 -16.46 -15.32
CA LEU A 151 20.68 -16.93 -14.44
C LEU A 151 19.34 -16.79 -15.14
N THR A 154 17.43 -21.82 -13.92
CA THR A 154 17.43 -20.36 -13.96
C THR A 154 16.52 -19.77 -12.88
N GLU A 155 16.43 -20.44 -11.74
CA GLU A 155 15.61 -19.97 -10.63
C GLU A 155 16.45 -19.39 -9.49
N ILE A 156 17.75 -19.21 -9.69
CA ILE A 156 18.55 -18.46 -8.72
C ILE A 156 18.12 -17.00 -8.72
N ARG A 157 17.63 -16.50 -9.86
CA ARG A 157 17.17 -15.12 -9.95
C ARG A 157 15.98 -14.83 -9.05
N TYR A 158 15.22 -15.87 -8.65
CA TYR A 158 14.11 -15.67 -7.73
C TYR A 158 14.54 -15.67 -6.28
N ARG A 159 15.47 -16.56 -5.91
CA ARG A 159 15.90 -16.65 -4.53
C ARG A 159 16.92 -15.57 -4.17
N GLN A 160 17.68 -15.08 -5.15
CA GLN A 160 18.61 -13.99 -4.96
C GLN A 160 18.27 -12.89 -5.98
N ARG A 161 17.15 -12.19 -5.72
CA ARG A 161 16.67 -11.18 -6.67
C ARG A 161 17.66 -10.05 -6.84
N TYR A 162 18.51 -9.80 -5.85
CA TYR A 162 19.54 -8.77 -5.99
C TYR A 162 20.52 -9.12 -7.10
N LEU A 163 20.77 -10.41 -7.32
CA LEU A 163 21.59 -10.82 -8.46
C LEU A 163 20.85 -10.61 -9.77
N ASP A 164 19.54 -10.87 -9.78
CA ASP A 164 18.75 -10.68 -11.00
C ASP A 164 18.62 -9.21 -11.37
N LEU A 165 18.56 -8.32 -10.37
CA LEU A 165 18.46 -6.89 -10.65
C LEU A 165 19.80 -6.30 -11.10
N LEU A 166 20.91 -6.92 -10.69
CA LEU A 166 22.24 -6.38 -11.00
C LEU A 166 22.74 -6.82 -12.38
N ILE A 167 22.35 -8.00 -12.85
CA ILE A 167 22.92 -8.57 -14.07
C ILE A 167 22.09 -8.18 -15.30
N ASN A 168 20.87 -8.71 -15.39
CA ASN A 168 20.03 -8.47 -16.56
C ASN A 168 19.19 -7.22 -16.35
N GLU A 169 19.16 -6.36 -17.37
CA GLU A 169 18.40 -5.12 -17.33
C GLU A 169 16.91 -5.33 -17.58
N SER A 170 16.51 -6.52 -18.05
CA SER A 170 15.11 -6.75 -18.40
C SER A 170 14.20 -6.72 -17.18
N SER A 171 14.74 -7.03 -15.99
CA SER A 171 13.91 -7.11 -14.81
C SER A 171 13.87 -5.80 -14.02
N ARG A 172 14.99 -5.07 -13.97
CA ARG A 172 14.93 -3.71 -13.43
C ARG A 172 13.97 -2.87 -14.26
N HIS A 173 13.94 -3.10 -15.58
CA HIS A 173 12.92 -2.48 -16.42
C HIS A 173 11.54 -3.06 -16.13
N THR A 174 11.47 -4.33 -15.72
CA THR A 174 10.18 -4.95 -15.44
C THR A 174 9.57 -4.39 -14.17
N PHE A 175 10.36 -4.27 -13.10
CA PHE A 175 9.83 -3.81 -11.82
C PHE A 175 9.65 -2.30 -11.78
N VAL A 176 10.44 -1.55 -12.53
CA VAL A 176 10.17 -0.12 -12.69
C VAL A 176 8.83 0.08 -13.37
N THR A 177 8.49 -0.79 -14.32
CA THR A 177 7.18 -0.74 -14.96
C THR A 177 6.07 -1.12 -13.99
N ARG A 178 6.34 -2.02 -13.05
CA ARG A 178 5.32 -2.40 -12.07
C ARG A 178 4.98 -1.24 -11.16
N THR A 179 6.00 -0.56 -10.63
CA THR A 179 5.76 0.62 -9.80
C THR A 179 5.08 1.72 -10.60
N LYS A 180 5.43 1.86 -11.88
CA LYS A 180 4.80 2.87 -12.71
C LYS A 180 3.32 2.54 -12.95
N ILE A 181 2.98 1.26 -13.07
CA ILE A 181 1.60 0.87 -13.25
C ILE A 181 0.79 1.17 -11.98
N ILE A 182 1.36 0.87 -10.81
CA ILE A 182 0.67 1.15 -9.56
C ILE A 182 0.58 2.65 -9.32
N ASN A 183 1.65 3.39 -9.63
CA ASN A 183 1.62 4.84 -9.47
C ASN A 183 0.62 5.48 -10.43
N PHE A 184 0.53 4.95 -11.65
CA PHE A 184 -0.42 5.50 -12.62
C PHE A 184 -1.86 5.22 -12.18
N LEU A 185 -2.12 4.01 -11.67
CA LEU A 185 -3.47 3.68 -11.21
C LEU A 185 -3.85 4.53 -10.01
N ARG A 186 -2.92 4.73 -9.06
CA ARG A 186 -3.22 5.54 -7.88
C ARG A 186 -3.56 6.96 -8.26
N ASN A 187 -2.75 7.59 -9.10
CA ASN A 187 -3.04 8.95 -9.55
C ASN A 187 -4.23 8.99 -10.49
N PHE A 188 -4.56 7.88 -11.16
CA PHE A 188 -5.75 7.82 -11.99
C PHE A 188 -7.01 7.95 -11.14
N LEU A 189 -7.06 7.22 -10.03
CA LEU A 189 -8.21 7.32 -9.13
C LEU A 189 -8.17 8.60 -8.32
N ASN A 190 -6.97 9.03 -7.89
CA ASN A 190 -6.85 10.25 -7.09
C ASN A 190 -7.34 11.46 -7.88
N GLU A 191 -7.06 11.51 -9.18
CA GLU A 191 -7.51 12.63 -10.00
C GLU A 191 -9.02 12.68 -10.14
N ARG A 192 -9.71 11.55 -9.92
CA ARG A 192 -11.15 11.48 -10.05
C ARG A 192 -11.86 11.58 -8.70
N GLY A 193 -11.22 12.17 -7.70
CA GLY A 193 -11.85 12.36 -6.41
C GLY A 193 -11.96 11.13 -5.55
N PHE A 194 -11.22 10.07 -5.86
CA PHE A 194 -11.28 8.86 -5.07
C PHE A 194 -10.42 9.00 -3.81
N PHE A 195 -10.75 8.20 -2.80
CA PHE A 195 -10.17 8.33 -1.46
C PHE A 195 -9.55 7.00 -1.07
N GLU A 196 -8.22 6.96 -0.96
CA GLU A 196 -7.52 5.73 -0.61
C GLU A 196 -7.51 5.53 0.89
N VAL A 197 -7.90 4.34 1.34
CA VAL A 197 -7.96 4.04 2.77
C VAL A 197 -7.24 2.73 3.06
N GLU A 198 -7.33 2.27 4.30
CA GLU A 198 -6.70 1.02 4.72
C GLU A 198 -7.72 0.22 5.54
N THR A 199 -8.12 -0.94 5.02
CA THR A 199 -9.00 -1.87 5.71
C THR A 199 -8.18 -2.97 6.37
N PRO A 200 -8.70 -3.63 7.40
CA PRO A 200 -7.92 -4.64 8.10
C PRO A 200 -7.59 -5.83 7.20
N MET A 201 -6.38 -6.36 7.37
CA MET A 201 -5.95 -7.54 6.63
C MET A 201 -6.33 -8.85 7.33
N MET A 202 -6.61 -8.80 8.63
CA MET A 202 -7.08 -9.97 9.37
C MET A 202 -8.47 -9.68 9.91
N ASN A 203 -9.41 -10.57 9.59
CA ASN A 203 -10.78 -10.45 10.07
C ASN A 203 -11.20 -11.81 10.64
N LEU A 204 -12.51 -12.05 10.69
CA LEU A 204 -13.04 -13.26 11.30
C LEU A 204 -13.75 -14.18 10.32
N ILE A 205 -14.10 -13.71 9.13
CA ILE A 205 -14.79 -14.50 8.13
C ILE A 205 -14.24 -14.18 6.75
N ALA A 206 -14.24 -15.18 5.87
CA ALA A 206 -13.88 -14.96 4.48
C ALA A 206 -15.09 -14.42 3.71
N GLY A 207 -14.83 -13.44 2.85
CA GLY A 207 -15.89 -12.83 2.09
C GLY A 207 -15.43 -11.94 0.95
N GLY A 208 -16.06 -12.07 -0.20
CA GLY A 208 -15.71 -11.25 -1.36
C GLY A 208 -15.52 -12.05 -2.62
N ALA A 209 -15.02 -13.27 -2.50
CA ALA A 209 -14.74 -14.11 -3.66
C ALA A 209 -14.88 -15.56 -3.25
N ASN A 210 -14.32 -16.47 -4.04
CA ASN A 210 -14.37 -17.91 -3.80
C ASN A 210 -12.94 -18.43 -3.75
N ALA A 211 -12.44 -18.70 -2.54
CA ALA A 211 -11.08 -19.19 -2.34
C ALA A 211 -10.97 -19.72 -0.92
N ARG A 212 -9.76 -20.15 -0.56
CA ARG A 212 -9.43 -20.63 0.77
C ARG A 212 -8.57 -19.59 1.51
N PRO A 213 -8.85 -19.34 2.78
CA PRO A 213 -8.10 -18.32 3.51
C PRO A 213 -6.91 -18.90 4.28
N PHE A 214 -5.93 -18.03 4.53
CA PHE A 214 -4.85 -18.35 5.45
C PHE A 214 -5.33 -18.15 6.88
N ILE A 215 -5.06 -19.12 7.74
CA ILE A 215 -5.53 -19.10 9.12
C ILE A 215 -4.36 -18.75 10.03
N THR A 216 -4.61 -17.84 10.97
CA THR A 216 -3.62 -17.46 11.98
C THR A 216 -4.33 -17.29 13.31
N HIS A 217 -3.54 -17.25 14.38
CA HIS A 217 -4.06 -17.16 15.74
C HIS A 217 -3.48 -15.94 16.43
N HIS A 218 -4.35 -15.16 17.07
CA HIS A 218 -3.94 -14.04 17.91
C HIS A 218 -3.89 -14.54 19.35
N ASN A 219 -2.73 -14.39 19.99
CA ASN A 219 -2.53 -14.95 21.31
C ASN A 219 -3.30 -14.18 22.38
N ASP A 220 -2.98 -12.90 22.54
CA ASP A 220 -3.58 -12.10 23.60
C ASP A 220 -5.05 -11.78 23.37
N LEU A 221 -5.59 -12.15 22.21
CA LEU A 221 -7.03 -12.12 21.99
C LEU A 221 -7.65 -13.51 21.94
N ASP A 222 -6.83 -14.56 21.92
CA ASP A 222 -7.29 -15.95 21.95
C ASP A 222 -8.36 -16.21 20.90
N LEU A 223 -8.06 -15.81 19.66
CA LEU A 223 -9.00 -15.92 18.56
C LEU A 223 -8.24 -16.25 17.28
N ASP A 224 -8.89 -17.02 16.41
CA ASP A 224 -8.33 -17.39 15.11
C ASP A 224 -8.88 -16.44 14.06
N LEU A 225 -7.98 -15.79 13.32
CA LEU A 225 -8.35 -14.80 12.32
C LEU A 225 -7.97 -15.28 10.93
N TYR A 226 -8.84 -15.00 9.97
CA TYR A 226 -8.59 -15.34 8.58
C TYR A 226 -7.91 -14.18 7.86
N LEU A 227 -6.89 -14.49 7.07
CA LEU A 227 -6.28 -13.49 6.21
C LEU A 227 -7.23 -13.14 5.07
N ARG A 228 -7.37 -11.85 4.79
CA ARG A 228 -8.41 -11.39 3.88
C ARG A 228 -8.16 -11.90 2.46
N ILE A 229 -9.21 -12.44 1.85
CA ILE A 229 -9.16 -12.84 0.45
C ILE A 229 -9.54 -11.70 -0.49
N ALA A 230 -10.22 -10.68 0.02
CA ALA A 230 -10.62 -9.53 -0.77
C ALA A 230 -11.05 -8.43 0.19
N THR A 231 -10.99 -7.18 -0.29
CA THR A 231 -11.41 -6.02 0.47
C THR A 231 -12.84 -5.60 0.15
N GLU A 232 -13.64 -6.52 -0.40
CA GLU A 232 -14.95 -6.14 -0.93
C GLU A 232 -15.91 -5.74 0.18
N LEU A 233 -15.90 -6.46 1.30
CA LEU A 233 -16.86 -6.17 2.37
C LEU A 233 -16.55 -4.87 3.11
N PRO A 234 -15.33 -4.64 3.62
CA PRO A 234 -15.09 -3.40 4.37
C PRO A 234 -15.23 -2.13 3.53
N LEU A 235 -14.92 -2.20 2.23
CA LEU A 235 -15.00 -1.00 1.40
C LEU A 235 -16.45 -0.60 1.14
N LYS A 236 -17.33 -1.59 0.93
CA LYS A 236 -18.75 -1.28 0.78
C LYS A 236 -19.32 -0.67 2.05
N MET A 237 -18.82 -1.10 3.22
CA MET A 237 -19.23 -0.47 4.47
C MET A 237 -18.78 0.99 4.51
N LEU A 238 -17.63 1.30 3.92
CA LEU A 238 -17.16 2.69 3.87
C LEU A 238 -17.95 3.53 2.88
N ILE A 239 -18.64 2.90 1.93
CA ILE A 239 -19.56 3.65 1.07
C ILE A 239 -20.77 4.10 1.86
N VAL A 240 -21.30 3.24 2.74
CA VAL A 240 -22.39 3.62 3.61
C VAL A 240 -21.95 4.73 4.56
N GLY A 241 -20.65 4.77 4.90
CA GLY A 241 -20.13 5.78 5.80
C GLY A 241 -20.07 7.18 5.21
N GLY A 242 -20.36 7.33 3.92
CA GLY A 242 -20.37 8.62 3.26
C GLY A 242 -19.28 8.79 2.22
N ILE A 243 -18.15 8.10 2.39
CA ILE A 243 -17.06 8.15 1.43
C ILE A 243 -17.53 7.50 0.14
N ASP A 244 -17.99 8.32 -0.82
CA ASP A 244 -18.62 7.81 -2.02
C ASP A 244 -17.63 7.31 -3.07
N LYS A 245 -16.37 7.73 -3.01
CA LYS A 245 -15.33 7.28 -3.92
C LYS A 245 -14.15 6.82 -3.07
N VAL A 246 -14.09 5.51 -2.80
CA VAL A 246 -13.09 4.93 -1.92
C VAL A 246 -12.44 3.75 -2.62
N TYR A 247 -11.16 3.54 -2.32
CA TYR A 247 -10.41 2.42 -2.89
C TYR A 247 -9.26 2.05 -1.96
N GLU A 248 -8.60 0.95 -2.30
CA GLU A 248 -7.48 0.46 -1.51
C GLU A 248 -6.59 -0.42 -2.38
N ILE A 249 -5.28 -0.26 -2.23
CA ILE A 249 -4.29 -1.09 -2.92
C ILE A 249 -3.45 -1.79 -1.86
N GLY A 250 -3.35 -3.11 -1.95
CA GLY A 250 -2.59 -3.86 -0.99
C GLY A 250 -2.57 -5.33 -1.32
N LYS A 251 -2.08 -6.12 -0.38
CA LYS A 251 -1.94 -7.55 -0.55
C LYS A 251 -3.22 -8.28 -0.14
N VAL A 252 -3.48 -9.41 -0.80
CA VAL A 252 -4.56 -10.32 -0.45
C VAL A 252 -4.02 -11.74 -0.51
N PHE A 253 -4.64 -12.62 0.25
CA PHE A 253 -4.11 -13.96 0.47
C PHE A 253 -5.16 -15.01 0.14
N ARG A 254 -4.76 -16.00 -0.64
CA ARG A 254 -5.62 -17.14 -0.98
C ARG A 254 -4.79 -18.41 -0.85
N ASN A 255 -5.21 -19.31 0.04
CA ASN A 255 -4.47 -20.54 0.31
C ASN A 255 -4.77 -21.59 -0.75
N GLU A 256 -4.40 -21.27 -1.99
CA GLU A 256 -4.60 -22.13 -3.14
C GLU A 256 -3.24 -22.60 -3.66
N GLY A 257 -3.22 -23.09 -4.90
CA GLY A 257 -2.02 -23.64 -5.49
C GLY A 257 -1.07 -22.57 -6.00
N ILE A 258 0.09 -23.04 -6.48
CA ILE A 258 1.14 -22.18 -7.02
C ILE A 258 1.43 -22.64 -8.43
N ASP A 259 1.29 -21.74 -9.40
CA ASP A 259 1.65 -22.03 -10.78
C ASP A 259 2.11 -20.73 -11.44
N ASN A 260 2.10 -20.70 -12.77
CA ASN A 260 2.59 -19.54 -13.51
C ASN A 260 1.66 -18.33 -13.41
N THR A 261 0.44 -18.51 -12.92
CA THR A 261 -0.49 -17.39 -12.83
C THR A 261 -1.22 -17.33 -11.49
N HIS A 262 -0.74 -18.03 -10.47
CA HIS A 262 -1.32 -17.98 -9.14
C HIS A 262 -0.20 -17.97 -8.10
N ASN A 263 -0.30 -17.05 -7.13
CA ASN A 263 0.66 -16.91 -6.05
C ASN A 263 -0.10 -16.77 -4.74
N PRO A 264 0.41 -17.35 -3.64
CA PRO A 264 -0.31 -17.27 -2.37
C PRO A 264 -0.76 -15.87 -1.99
N GLU A 265 0.15 -14.90 -2.00
CA GLU A 265 -0.20 -13.50 -1.78
C GLU A 265 0.08 -12.70 -3.05
N PHE A 266 -0.77 -11.70 -3.29
CA PHE A 266 -0.64 -10.89 -4.49
C PHE A 266 -1.32 -9.55 -4.25
N THR A 267 -0.97 -8.58 -5.10
CA THR A 267 -1.47 -7.22 -4.95
C THR A 267 -2.85 -7.08 -5.59
N SER A 268 -3.76 -6.44 -4.88
CA SER A 268 -5.13 -6.22 -5.35
C SER A 268 -5.48 -4.74 -5.24
N CYS A 269 -6.41 -4.31 -6.10
CA CYS A 269 -6.95 -2.96 -6.04
C CYS A 269 -8.46 -3.04 -6.28
N GLU A 270 -9.23 -2.51 -5.34
CA GLU A 270 -10.68 -2.47 -5.45
C GLU A 270 -11.16 -1.06 -5.15
N PHE A 271 -11.88 -0.46 -6.10
CA PHE A 271 -12.49 0.85 -5.88
C PHE A 271 -14.01 0.70 -5.90
N TYR A 272 -14.68 1.62 -5.20
CA TYR A 272 -16.13 1.64 -5.12
C TYR A 272 -16.61 3.06 -5.37
N TRP A 273 -17.57 3.19 -6.28
CA TRP A 273 -17.98 4.47 -6.84
C TRP A 273 -19.50 4.59 -6.69
N ALA A 274 -19.94 5.43 -5.77
CA ALA A 274 -21.36 5.61 -5.52
C ALA A 274 -22.03 6.27 -6.73
N TYR A 275 -23.29 5.87 -6.96
CA TYR A 275 -24.09 6.39 -8.06
C TYR A 275 -23.48 6.04 -9.42
N ALA A 276 -22.80 4.90 -9.48
CA ALA A 276 -22.28 4.34 -10.72
C ALA A 276 -22.70 2.88 -10.80
N ASP A 277 -23.04 2.42 -11.99
CA ASP A 277 -23.42 1.00 -12.19
C ASP A 277 -22.52 0.39 -13.25
N TYR A 278 -22.84 -0.83 -13.67
CA TYR A 278 -22.09 -1.63 -14.66
C TYR A 278 -21.61 -0.78 -15.83
N ASN A 279 -22.50 -0.04 -16.47
CA ASN A 279 -22.13 0.83 -17.61
C ASN A 279 -21.03 1.79 -17.22
N ASP A 280 -21.11 2.42 -16.07
CA ASP A 280 -20.04 3.34 -15.72
C ASP A 280 -18.71 2.61 -15.51
N LEU A 281 -18.77 1.36 -15.08
CA LEU A 281 -17.55 0.59 -14.86
C LEU A 281 -16.96 0.08 -16.17
N ILE A 282 -17.80 -0.20 -17.16
CA ILE A 282 -17.30 -0.60 -18.48
C ILE A 282 -16.50 0.54 -19.10
N LYS A 283 -17.04 1.75 -19.03
CA LYS A 283 -16.31 2.90 -19.54
C LYS A 283 -15.04 3.15 -18.74
N TRP A 284 -15.10 2.93 -17.42
CA TRP A 284 -13.91 3.11 -16.59
C TRP A 284 -12.82 2.13 -16.98
N SER A 285 -13.18 0.87 -17.20
CA SER A 285 -12.18 -0.15 -17.53
C SER A 285 -11.53 0.12 -18.88
N GLU A 286 -12.32 0.54 -19.87
CA GLU A 286 -11.77 0.80 -21.19
C GLU A 286 -10.89 2.06 -21.19
N ASP A 287 -11.29 3.09 -20.45
CA ASP A 287 -10.48 4.30 -20.39
C ASP A 287 -9.20 4.09 -19.58
N PHE A 288 -9.25 3.26 -18.54
CA PHE A 288 -8.07 3.06 -17.72
C PHE A 288 -7.01 2.25 -18.46
N PHE A 289 -7.40 1.13 -19.08
CA PHE A 289 -6.44 0.26 -19.74
C PHE A 289 -5.85 0.92 -20.99
N SER A 290 -6.68 1.62 -21.77
CA SER A 290 -6.19 2.26 -22.98
C SER A 290 -5.21 3.38 -22.64
N GLN A 291 -5.52 4.18 -21.61
CA GLN A 291 -4.61 5.26 -21.23
C GLN A 291 -3.35 4.71 -20.58
N LEU A 292 -3.48 3.64 -19.79
CA LEU A 292 -2.30 3.06 -19.13
C LEU A 292 -1.32 2.50 -20.16
N VAL A 293 -1.82 1.75 -21.15
CA VAL A 293 -0.93 1.17 -22.15
C VAL A 293 -0.32 2.26 -23.02
N TYR A 294 -1.10 3.29 -23.38
CA TYR A 294 -0.56 4.37 -24.18
C TYR A 294 0.42 5.22 -23.37
N HIS A 295 0.17 5.39 -22.07
CA HIS A 295 1.09 6.13 -21.22
C HIS A 295 2.44 5.43 -21.09
N LEU A 296 2.45 4.10 -21.18
CA LEU A 296 3.66 3.32 -21.00
C LEU A 296 4.42 3.06 -22.30
N PHE A 297 3.74 3.11 -23.45
CA PHE A 297 4.34 2.69 -24.70
C PHE A 297 4.16 3.68 -25.85
N GLY A 298 3.22 4.61 -25.77
CA GLY A 298 2.93 5.48 -26.89
C GLY A 298 2.08 4.86 -27.97
N THR A 299 1.50 3.69 -27.71
CA THR A 299 0.62 3.02 -28.66
C THR A 299 -0.28 2.07 -27.89
N TYR A 300 -1.39 1.71 -28.52
CA TYR A 300 -2.35 0.79 -27.91
C TYR A 300 -2.10 -0.66 -28.28
N LYS A 301 -1.25 -0.93 -29.27
CA LYS A 301 -0.92 -2.28 -29.68
C LYS A 301 0.38 -2.71 -29.03
N ILE A 302 0.34 -3.85 -28.31
CA ILE A 302 1.53 -4.44 -27.70
C ILE A 302 1.59 -5.91 -28.09
N SER A 303 2.80 -6.47 -28.01
CA SER A 303 3.04 -7.87 -28.33
C SER A 303 3.36 -8.63 -27.05
N TYR A 304 2.80 -9.83 -26.94
CA TYR A 304 2.97 -10.66 -25.75
C TYR A 304 3.27 -12.09 -26.16
N ASN A 305 4.29 -12.67 -25.55
CA ASN A 305 4.63 -14.07 -25.78
C ASN A 305 3.77 -14.93 -24.86
N LYS A 306 2.65 -15.42 -25.39
CA LYS A 306 1.70 -16.16 -24.58
C LYS A 306 2.31 -17.44 -24.02
N ASP A 307 2.96 -18.22 -24.87
CA ASP A 307 3.54 -19.49 -24.45
C ASP A 307 5.04 -19.55 -24.68
N GLY A 308 5.79 -18.66 -24.03
CA GLY A 308 7.24 -18.70 -24.07
C GLY A 308 7.84 -17.77 -25.09
N PRO A 309 9.12 -17.42 -24.90
CA PRO A 309 9.79 -16.52 -25.85
C PRO A 309 10.26 -17.21 -27.13
N GLU A 310 10.24 -18.54 -27.18
CA GLU A 310 10.67 -19.26 -28.38
C GLU A 310 9.55 -19.47 -29.39
N ASN A 311 8.29 -19.36 -28.96
CA ASN A 311 7.16 -19.62 -29.82
C ASN A 311 6.61 -18.31 -30.39
N GLN A 312 5.57 -18.44 -31.20
CA GLN A 312 4.97 -17.29 -31.87
C GLN A 312 4.17 -16.45 -30.87
N PRO A 313 4.47 -15.16 -30.73
CA PRO A 313 3.70 -14.32 -29.81
C PRO A 313 2.44 -13.76 -30.48
N ILE A 314 1.56 -13.23 -29.64
CA ILE A 314 0.30 -12.65 -30.08
C ILE A 314 0.31 -11.16 -29.79
N GLU A 315 -0.51 -10.43 -30.53
CA GLU A 315 -0.61 -8.98 -30.43
C GLU A 315 -1.93 -8.60 -29.79
N ILE A 316 -1.87 -7.78 -28.73
CA ILE A 316 -3.05 -7.36 -27.99
C ILE A 316 -3.34 -5.91 -28.34
N ASP A 317 -4.53 -5.66 -28.88
CA ASP A 317 -4.96 -4.30 -29.22
C ASP A 317 -5.77 -3.73 -28.06
N PHE A 318 -5.34 -2.59 -27.54
CA PHE A 318 -6.00 -1.95 -26.41
C PHE A 318 -6.81 -0.73 -26.80
N THR A 319 -7.08 -0.54 -28.09
CA THR A 319 -7.93 0.56 -28.52
C THR A 319 -9.36 0.33 -28.05
N PRO A 320 -9.97 1.24 -27.30
CA PRO A 320 -11.35 1.05 -26.90
C PRO A 320 -12.28 1.21 -28.09
N PRO A 321 -13.47 0.57 -28.06
CA PRO A 321 -13.94 -0.28 -26.96
C PRO A 321 -13.47 -1.73 -27.07
N TYR A 322 -13.87 -2.55 -26.10
CA TYR A 322 -13.54 -3.96 -26.06
C TYR A 322 -14.80 -4.81 -26.24
N PRO A 323 -14.68 -6.01 -26.80
CA PRO A 323 -15.88 -6.84 -27.01
C PRO A 323 -16.53 -7.24 -25.70
N LYS A 324 -17.85 -7.38 -25.74
CA LYS A 324 -18.65 -7.84 -24.61
C LYS A 324 -19.26 -9.20 -24.95
N VAL A 325 -19.06 -10.16 -24.07
CA VAL A 325 -19.49 -11.54 -24.30
C VAL A 325 -20.27 -12.02 -23.07
N SER A 326 -21.56 -12.29 -23.26
CA SER A 326 -22.36 -12.84 -22.18
C SER A 326 -22.00 -14.31 -21.97
N ILE A 327 -21.90 -14.70 -20.69
CA ILE A 327 -21.37 -16.02 -20.37
C ILE A 327 -22.37 -17.12 -20.74
N VAL A 328 -23.61 -17.01 -20.26
CA VAL A 328 -24.59 -18.05 -20.56
C VAL A 328 -25.01 -18.01 -22.02
N GLU A 329 -24.97 -16.83 -22.64
CA GLU A 329 -25.40 -16.71 -24.03
C GLU A 329 -24.45 -17.43 -24.98
N GLU A 330 -23.14 -17.38 -24.70
CA GLU A 330 -22.16 -18.01 -25.58
C GLU A 330 -21.83 -19.43 -25.17
N ILE A 331 -21.96 -19.78 -23.88
CA ILE A 331 -21.86 -21.18 -23.50
C ILE A 331 -22.97 -21.97 -24.17
N GLU A 332 -24.15 -21.36 -24.35
CA GLU A 332 -25.24 -22.04 -25.03
C GLU A 332 -24.99 -22.16 -26.53
N LYS A 333 -24.31 -21.18 -27.13
CA LYS A 333 -24.14 -21.21 -28.59
C LYS A 333 -22.96 -22.08 -29.02
N VAL A 334 -21.92 -22.21 -28.19
CA VAL A 334 -20.80 -23.04 -28.56
C VAL A 334 -21.05 -24.51 -28.25
N THR A 335 -21.96 -24.81 -27.33
CA THR A 335 -22.32 -26.17 -26.99
C THR A 335 -23.68 -26.56 -27.56
N ASN A 336 -24.31 -25.68 -28.33
CA ASN A 336 -25.65 -25.86 -28.91
C ASN A 336 -26.59 -26.55 -27.93
N THR A 337 -26.58 -26.07 -26.68
CA THR A 337 -27.43 -26.58 -25.63
C THR A 337 -28.30 -25.44 -25.09
N ILE A 338 -29.36 -25.81 -24.38
CA ILE A 338 -30.32 -24.85 -23.83
C ILE A 338 -30.32 -25.05 -22.32
N LEU A 339 -29.47 -24.30 -21.63
CA LEU A 339 -29.42 -24.30 -20.17
C LEU A 339 -30.25 -23.14 -19.66
N GLU A 340 -31.37 -23.45 -19.02
CA GLU A 340 -32.27 -22.41 -18.50
C GLU A 340 -32.42 -22.57 -16.99
N GLN A 341 -32.97 -21.53 -16.38
CA GLN A 341 -33.03 -21.39 -14.93
C GLN A 341 -34.10 -22.30 -14.33
N PRO A 342 -33.90 -22.76 -13.09
CA PRO A 342 -32.74 -22.47 -12.24
C PRO A 342 -31.49 -23.25 -12.65
N PHE A 343 -30.34 -22.58 -12.66
CA PHE A 343 -29.10 -23.21 -13.10
C PHE A 343 -28.61 -24.27 -12.12
N ASP A 344 -29.00 -24.18 -10.85
CA ASP A 344 -28.63 -25.18 -9.86
C ASP A 344 -29.60 -26.36 -9.84
N SER A 345 -30.59 -26.38 -10.72
CA SER A 345 -31.48 -27.52 -10.81
C SER A 345 -30.74 -28.74 -11.35
N ASN A 346 -31.16 -29.92 -10.90
CA ASN A 346 -30.50 -31.16 -11.30
C ASN A 346 -30.65 -31.47 -12.78
N GLU A 347 -31.56 -30.79 -13.49
CA GLU A 347 -31.65 -30.96 -14.93
C GLU A 347 -30.55 -30.17 -15.65
N THR A 348 -30.43 -28.89 -15.32
CA THR A 348 -29.35 -28.08 -15.90
C THR A 348 -27.99 -28.60 -15.44
N ILE A 349 -27.87 -28.99 -14.17
CA ILE A 349 -26.62 -29.55 -13.67
C ILE A 349 -26.26 -30.82 -14.45
N GLU A 350 -27.28 -31.62 -14.79
CA GLU A 350 -27.03 -32.84 -15.56
C GLU A 350 -26.53 -32.51 -16.96
N LYS A 351 -27.14 -31.51 -17.61
CA LYS A 351 -26.73 -31.16 -18.96
C LYS A 351 -25.34 -30.51 -18.98
N MET A 352 -25.03 -29.70 -17.97
CA MET A 352 -23.72 -29.08 -17.89
C MET A 352 -22.62 -30.12 -17.71
N ILE A 353 -22.85 -31.11 -16.83
CA ILE A 353 -21.82 -32.11 -16.56
C ILE A 353 -21.70 -33.10 -17.71
N ASN A 354 -22.73 -33.25 -18.54
CA ASN A 354 -22.60 -34.07 -19.73
C ASN A 354 -21.78 -33.36 -20.80
N ILE A 355 -21.76 -32.02 -20.77
CA ILE A 355 -20.84 -31.27 -21.61
C ILE A 355 -19.41 -31.41 -21.10
N ILE A 356 -19.25 -31.61 -19.79
CA ILE A 356 -17.92 -31.80 -19.22
C ILE A 356 -17.30 -33.10 -19.69
N LYS A 357 -18.10 -34.18 -19.71
CA LYS A 357 -17.57 -35.46 -20.16
C LYS A 357 -17.39 -35.50 -21.67
N GLU A 358 -18.28 -34.83 -22.41
CA GLU A 358 -18.24 -34.91 -23.87
C GLU A 358 -16.99 -34.26 -24.44
N HIS A 359 -16.53 -33.17 -23.82
CA HIS A 359 -15.37 -32.45 -24.29
C HIS A 359 -14.11 -32.76 -23.49
N LYS A 360 -14.15 -33.79 -22.65
CA LYS A 360 -13.00 -34.21 -21.84
C LYS A 360 -12.44 -33.04 -21.02
N ILE A 361 -13.32 -32.44 -20.22
CA ILE A 361 -13.00 -31.25 -19.44
C ILE A 361 -12.68 -31.65 -18.02
N GLU A 362 -11.63 -31.04 -17.47
CA GLU A 362 -11.25 -31.24 -16.07
C GLU A 362 -12.39 -30.76 -15.17
N LEU A 363 -13.05 -31.68 -14.49
CA LEU A 363 -14.24 -31.34 -13.71
C LEU A 363 -13.86 -30.49 -12.50
N PRO A 364 -14.61 -29.42 -12.22
CA PRO A 364 -14.37 -28.66 -10.99
C PRO A 364 -14.69 -29.50 -9.76
N ASN A 365 -14.23 -29.01 -8.62
CA ASN A 365 -14.37 -29.76 -7.37
C ASN A 365 -14.58 -28.81 -6.21
N PRO A 366 -15.77 -28.81 -5.57
CA PRO A 366 -16.92 -29.64 -5.93
C PRO A 366 -17.69 -29.07 -7.13
N PRO A 367 -18.37 -29.94 -7.88
CA PRO A 367 -19.08 -29.49 -9.10
C PRO A 367 -20.42 -28.83 -8.79
N THR A 368 -20.35 -27.66 -8.17
CA THR A 368 -21.54 -26.86 -7.96
C THR A 368 -21.94 -26.17 -9.25
N ALA A 369 -23.17 -25.64 -9.27
CA ALA A 369 -23.67 -24.99 -10.48
C ALA A 369 -22.84 -23.75 -10.83
N ALA A 370 -22.19 -23.15 -9.83
CA ALA A 370 -21.36 -21.99 -10.10
C ALA A 370 -19.98 -22.40 -10.60
N LYS A 371 -19.38 -23.43 -9.99
CA LYS A 371 -18.06 -23.87 -10.44
C LYS A 371 -18.13 -24.62 -11.76
N LEU A 372 -19.23 -25.34 -12.01
CA LEU A 372 -19.43 -25.94 -13.33
C LEU A 372 -19.57 -24.87 -14.39
N LEU A 373 -20.21 -23.74 -14.05
CA LEU A 373 -20.40 -22.67 -15.01
C LEU A 373 -19.11 -21.89 -15.25
N ASP A 374 -18.27 -21.77 -14.22
CA ASP A 374 -16.99 -21.09 -14.41
C ASP A 374 -16.02 -21.93 -15.21
N GLN A 375 -16.03 -23.26 -15.00
CA GLN A 375 -15.16 -24.14 -15.77
C GLN A 375 -15.60 -24.21 -17.23
N LEU A 376 -16.91 -24.13 -17.49
CA LEU A 376 -17.38 -24.13 -18.87
C LEU A 376 -16.95 -22.87 -19.61
N ALA A 377 -17.01 -21.73 -18.94
CA ALA A 377 -16.51 -20.50 -19.55
C ALA A 377 -15.00 -20.51 -19.66
N SER A 378 -14.30 -21.14 -18.70
CA SER A 378 -12.85 -21.24 -18.77
C SER A 378 -12.39 -22.14 -19.91
N HIS A 379 -13.29 -22.95 -20.48
CA HIS A 379 -12.94 -23.85 -21.56
C HIS A 379 -13.53 -23.44 -22.90
N PHE A 380 -14.62 -22.68 -22.92
CA PHE A 380 -15.32 -22.37 -24.15
C PHE A 380 -15.38 -20.89 -24.50
N ILE A 381 -15.13 -19.98 -23.56
CA ILE A 381 -15.21 -18.55 -23.82
C ILE A 381 -13.90 -17.85 -23.51
N GLU A 382 -13.21 -18.23 -22.44
CA GLU A 382 -12.04 -17.47 -21.99
C GLU A 382 -10.90 -17.56 -22.98
N ASN A 383 -10.69 -18.73 -23.59
CA ASN A 383 -9.57 -18.92 -24.50
C ASN A 383 -9.92 -18.50 -25.93
N LYS A 384 -10.86 -17.57 -26.08
CA LYS A 384 -11.30 -17.16 -27.40
C LYS A 384 -10.54 -15.95 -27.91
N TYR A 385 -10.87 -14.76 -27.41
CA TYR A 385 -10.30 -13.51 -27.90
C TYR A 385 -8.94 -13.29 -27.24
N ASN A 386 -7.87 -13.58 -28.00
CA ASN A 386 -6.51 -13.36 -27.53
C ASN A 386 -5.81 -12.23 -28.27
N ASP A 387 -6.51 -11.54 -29.18
CA ASP A 387 -5.98 -10.39 -29.87
C ASP A 387 -6.48 -9.07 -29.30
N LYS A 388 -7.34 -9.13 -28.29
CA LYS A 388 -7.97 -7.95 -27.72
C LYS A 388 -8.65 -8.34 -26.41
N PRO A 389 -8.52 -7.53 -25.35
CA PRO A 389 -9.23 -7.84 -24.11
C PRO A 389 -10.74 -7.80 -24.33
N PHE A 390 -11.45 -8.70 -23.65
CA PHE A 390 -12.90 -8.82 -23.82
C PHE A 390 -13.55 -9.03 -22.47
N PHE A 391 -14.80 -8.59 -22.37
CA PHE A 391 -15.57 -8.66 -21.14
C PHE A 391 -16.46 -9.89 -21.12
N ILE A 392 -16.48 -10.57 -19.98
CA ILE A 392 -17.50 -11.58 -19.69
C ILE A 392 -18.61 -10.88 -18.92
N VAL A 393 -19.81 -10.84 -19.50
CA VAL A 393 -20.88 -9.98 -19.02
C VAL A 393 -22.07 -10.83 -18.60
N GLU A 394 -22.85 -10.29 -17.68
CA GLU A 394 -24.16 -10.85 -17.29
C GLU A 394 -24.02 -12.25 -16.71
N HIS A 395 -23.26 -12.34 -15.63
CA HIS A 395 -23.14 -13.59 -14.89
C HIS A 395 -24.43 -13.87 -14.13
N PRO A 396 -24.81 -15.13 -14.01
CA PRO A 396 -26.00 -15.47 -13.20
C PRO A 396 -25.81 -15.07 -11.74
N GLN A 397 -26.93 -14.96 -11.04
CA GLN A 397 -26.91 -14.63 -9.62
C GLN A 397 -26.31 -15.75 -8.78
N ILE A 398 -26.25 -16.97 -9.31
CA ILE A 398 -25.70 -18.09 -8.56
C ILE A 398 -24.19 -17.95 -8.39
N MET A 399 -23.52 -17.29 -9.33
CA MET A 399 -22.09 -17.05 -9.25
C MET A 399 -21.75 -15.67 -8.70
N SER A 400 -22.75 -14.92 -8.23
CA SER A 400 -22.56 -13.53 -7.80
C SER A 400 -23.43 -13.26 -6.59
N PRO A 401 -22.98 -13.66 -5.40
CA PRO A 401 -23.79 -13.43 -4.19
C PRO A 401 -23.86 -11.98 -3.76
N LEU A 402 -22.90 -11.14 -4.17
CA LEU A 402 -22.85 -9.75 -3.76
C LEU A 402 -23.10 -8.78 -4.91
N ALA A 403 -23.60 -9.27 -6.05
CA ALA A 403 -23.88 -8.44 -7.20
C ALA A 403 -25.38 -8.22 -7.35
N LYS A 404 -25.76 -7.00 -7.71
CA LYS A 404 -27.17 -6.67 -7.87
C LYS A 404 -27.77 -7.42 -9.06
N TYR A 405 -29.04 -7.79 -8.91
CA TYR A 405 -29.75 -8.49 -9.98
C TYR A 405 -29.83 -7.61 -11.23
N HIS A 406 -29.83 -8.26 -12.39
CA HIS A 406 -29.89 -7.54 -13.65
C HIS A 406 -31.24 -6.85 -13.80
N ARG A 407 -31.21 -5.60 -14.27
CA ARG A 407 -32.40 -4.77 -14.35
C ARG A 407 -33.35 -5.17 -15.48
N THR A 408 -33.00 -6.14 -16.32
CA THR A 408 -33.88 -6.52 -17.42
C THR A 408 -33.81 -8.00 -17.72
N LYS A 409 -32.77 -8.69 -17.23
CA LYS A 409 -32.61 -10.11 -17.47
C LYS A 409 -32.74 -10.87 -16.15
N PRO A 410 -33.74 -11.72 -15.99
CA PRO A 410 -33.92 -12.42 -14.72
C PRO A 410 -32.85 -13.48 -14.50
N GLY A 411 -32.53 -13.71 -13.23
CA GLY A 411 -31.54 -14.69 -12.84
C GLY A 411 -30.10 -14.32 -13.13
N LEU A 412 -29.85 -13.09 -13.58
CA LEU A 412 -28.50 -12.63 -13.89
C LEU A 412 -28.15 -11.42 -13.02
N THR A 413 -26.87 -11.09 -13.03
CA THR A 413 -26.36 -9.90 -12.38
C THR A 413 -25.65 -9.02 -13.41
N GLU A 414 -25.54 -7.73 -13.09
CA GLU A 414 -24.86 -6.78 -13.96
C GLU A 414 -23.34 -6.81 -13.69
N ARG A 415 -22.76 -7.97 -13.94
CA ARG A 415 -21.36 -8.25 -13.65
C ARG A 415 -20.53 -8.20 -14.93
N LEU A 416 -19.25 -7.85 -14.78
CA LEU A 416 -18.34 -7.79 -15.91
C LEU A 416 -16.97 -8.31 -15.49
N GLU A 417 -16.36 -9.12 -16.35
CA GLU A 417 -15.03 -9.68 -16.11
C GLU A 417 -14.20 -9.48 -17.37
N MET A 418 -13.15 -8.66 -17.27
CA MET A 418 -12.25 -8.45 -18.41
C MET A 418 -11.16 -9.50 -18.40
N PHE A 419 -10.93 -10.12 -19.56
CA PHE A 419 -9.93 -11.17 -19.70
C PHE A 419 -8.90 -10.75 -20.74
N ILE A 420 -7.63 -11.00 -20.43
CA ILE A 420 -6.52 -10.78 -21.34
C ILE A 420 -5.82 -12.12 -21.55
N CYS A 421 -5.83 -12.59 -22.80
CA CYS A 421 -5.22 -13.87 -23.17
C CYS A 421 -5.83 -15.05 -22.41
N GLY A 422 -7.10 -14.91 -22.01
CA GLY A 422 -7.78 -15.98 -21.32
C GLY A 422 -7.53 -16.07 -19.83
N LYS A 423 -7.03 -15.00 -19.22
CA LYS A 423 -6.77 -14.97 -17.79
C LYS A 423 -7.49 -13.76 -17.19
N GLU A 424 -8.22 -13.99 -16.10
CA GLU A 424 -9.01 -12.93 -15.49
C GLU A 424 -8.11 -11.90 -14.83
N VAL A 425 -8.30 -10.63 -15.19
CA VAL A 425 -7.57 -9.52 -14.60
C VAL A 425 -8.49 -8.45 -14.03
N LEU A 426 -9.81 -8.64 -14.10
CA LEU A 426 -10.74 -7.62 -13.66
C LEU A 426 -12.05 -8.29 -13.28
N ASN A 427 -12.62 -7.85 -12.16
CA ASN A 427 -13.92 -8.32 -11.70
C ASN A 427 -14.70 -7.11 -11.19
N ALA A 428 -15.90 -6.91 -11.74
CA ALA A 428 -16.68 -5.73 -11.41
C ALA A 428 -18.16 -5.99 -11.61
N TYR A 429 -18.99 -5.27 -10.86
CA TYR A 429 -20.43 -5.30 -10.99
C TYR A 429 -21.01 -4.17 -10.17
N THR A 430 -22.25 -3.80 -10.48
CA THR A 430 -23.00 -2.90 -9.61
C THR A 430 -23.36 -3.63 -8.32
N GLU A 431 -23.25 -2.91 -7.20
CA GLU A 431 -23.32 -3.56 -5.90
C GLU A 431 -24.76 -3.85 -5.49
N LEU A 432 -24.99 -5.06 -5.01
CA LEU A 432 -26.28 -5.42 -4.41
C LEU A 432 -26.49 -4.57 -3.16
N ASN A 433 -27.43 -3.63 -3.23
CA ASN A 433 -27.64 -2.66 -2.16
C ASN A 433 -28.91 -2.92 -1.35
N ASP A 434 -29.73 -3.89 -1.74
CA ASP A 434 -30.92 -4.21 -0.99
C ASP A 434 -30.62 -5.36 -0.04
N PRO A 435 -30.67 -5.16 1.28
CA PRO A 435 -30.38 -6.27 2.19
C PRO A 435 -31.39 -7.40 2.10
N PHE A 436 -32.57 -7.15 1.56
CA PHE A 436 -33.59 -8.19 1.48
C PHE A 436 -33.30 -9.20 0.37
N LYS A 437 -32.68 -8.76 -0.73
CA LYS A 437 -32.31 -9.66 -1.81
C LYS A 437 -30.95 -10.31 -1.60
N GLN A 438 -30.26 -10.01 -0.51
CA GLN A 438 -29.03 -10.70 -0.12
C GLN A 438 -29.43 -11.94 0.67
N LYS A 439 -29.22 -13.12 0.07
CA LYS A 439 -29.73 -14.35 0.66
C LYS A 439 -29.03 -14.66 1.98
N GLU A 440 -27.72 -14.42 2.07
CA GLU A 440 -26.98 -14.73 3.29
C GLU A 440 -27.33 -13.80 4.43
N CYS A 441 -27.93 -12.65 4.15
CA CYS A 441 -28.33 -11.71 5.18
C CYS A 441 -29.83 -11.84 5.48
N PHE A 442 -30.20 -13.02 5.96
CA PHE A 442 -31.61 -13.33 6.23
C PHE A 442 -32.17 -12.43 7.33
N LEU A 459 -20.21 -14.60 4.85
CA LEU A 459 -20.41 -13.18 5.13
C LEU A 459 -20.50 -12.91 6.63
N ASP A 460 -20.36 -11.65 7.01
CA ASP A 460 -20.40 -11.23 8.40
C ASP A 460 -21.71 -10.52 8.69
N SER A 461 -22.17 -10.63 9.93
CA SER A 461 -23.37 -9.90 10.34
C SER A 461 -23.13 -8.40 10.39
N ALA A 462 -21.86 -7.98 10.50
CA ALA A 462 -21.56 -6.54 10.46
C ALA A 462 -21.78 -5.96 9.07
N PHE A 463 -21.47 -6.74 8.03
CA PHE A 463 -21.72 -6.29 6.67
C PHE A 463 -23.20 -6.29 6.34
N CYS A 464 -23.95 -7.27 6.88
CA CYS A 464 -25.39 -7.29 6.66
C CYS A 464 -26.07 -6.12 7.34
N THR A 465 -25.65 -5.80 8.57
CA THR A 465 -26.23 -4.67 9.29
C THR A 465 -25.86 -3.35 8.62
N SER A 466 -24.67 -3.26 8.03
CA SER A 466 -24.28 -2.04 7.32
C SER A 466 -25.16 -1.81 6.10
N LEU A 467 -25.57 -2.89 5.44
CA LEU A 467 -26.49 -2.75 4.31
C LEU A 467 -27.85 -2.22 4.76
N GLU A 468 -28.27 -2.56 5.97
CA GLU A 468 -29.57 -2.12 6.47
C GLU A 468 -29.62 -0.61 6.66
N TYR A 469 -28.48 0.02 6.98
CA TYR A 469 -28.44 1.46 7.20
C TYR A 469 -28.43 2.25 5.90
N GLY A 470 -28.55 1.60 4.75
CA GLY A 470 -28.65 2.31 3.49
C GLY A 470 -27.36 2.34 2.69
N LEU A 471 -27.24 1.44 1.72
CA LEU A 471 -26.11 1.44 0.80
C LEU A 471 -26.55 2.09 -0.50
N PRO A 472 -26.02 3.24 -0.87
CA PRO A 472 -26.44 3.89 -2.13
C PRO A 472 -26.06 3.03 -3.32
N PRO A 473 -26.77 3.19 -4.46
CA PRO A 473 -26.41 2.41 -5.65
C PRO A 473 -24.96 2.62 -6.05
N THR A 474 -24.14 1.59 -5.89
CA THR A 474 -22.69 1.70 -6.04
C THR A 474 -22.20 0.69 -7.06
N GLY A 475 -21.18 1.10 -7.82
CA GLY A 475 -20.48 0.18 -8.71
C GLY A 475 -19.07 -0.10 -8.23
N GLY A 476 -18.76 -1.37 -8.02
CA GLY A 476 -17.44 -1.75 -7.53
C GLY A 476 -16.64 -2.52 -8.56
N LEU A 477 -15.32 -2.48 -8.43
CA LEU A 477 -14.43 -3.11 -9.39
C LEU A 477 -13.20 -3.65 -8.66
N GLY A 478 -12.58 -4.66 -9.27
CA GLY A 478 -11.37 -5.25 -8.72
C GLY A 478 -10.33 -5.52 -9.79
N LEU A 479 -9.06 -5.28 -9.47
CA LEU A 479 -7.97 -5.43 -10.44
C LEU A 479 -6.89 -6.35 -9.90
N GLY A 480 -6.39 -7.23 -10.77
CA GLY A 480 -5.26 -8.06 -10.44
C GLY A 480 -3.96 -7.40 -10.90
N ILE A 481 -3.30 -6.69 -9.98
CA ILE A 481 -2.14 -5.90 -10.35
C ILE A 481 -1.01 -6.78 -10.86
N ASP A 482 -0.79 -7.93 -10.20
CA ASP A 482 0.30 -8.81 -10.59
C ASP A 482 0.05 -9.42 -11.97
N ARG A 483 -1.21 -9.74 -12.28
CA ARG A 483 -1.53 -10.27 -13.60
C ARG A 483 -1.49 -9.18 -14.67
N ILE A 484 -1.76 -7.93 -14.28
CA ILE A 484 -1.73 -6.83 -15.24
C ILE A 484 -0.29 -6.51 -15.64
N THR A 485 0.61 -6.42 -14.64
CA THR A 485 2.02 -6.16 -14.94
C THR A 485 2.63 -7.31 -15.74
N MET A 486 2.09 -8.52 -15.60
CA MET A 486 2.60 -9.65 -16.38
C MET A 486 2.39 -9.43 -17.87
N PHE A 487 1.18 -9.05 -18.26
CA PHE A 487 0.86 -8.85 -19.67
C PHE A 487 1.41 -7.54 -20.22
N LEU A 488 1.82 -6.61 -19.36
CA LEU A 488 2.38 -5.34 -19.80
C LEU A 488 3.90 -5.31 -19.71
N THR A 489 4.53 -6.33 -19.12
CA THR A 489 5.98 -6.46 -19.13
C THR A 489 6.44 -7.68 -19.93
N ASN A 490 5.52 -8.34 -20.62
CA ASN A 490 5.83 -9.52 -21.45
C ASN A 490 6.49 -10.61 -20.61
N LYS A 491 5.79 -11.03 -19.56
CA LYS A 491 6.26 -12.07 -18.67
C LYS A 491 5.26 -13.23 -18.67
N ASN A 492 5.79 -14.45 -18.56
CA ASN A 492 4.97 -15.66 -18.65
C ASN A 492 4.55 -16.20 -17.29
N SER A 493 5.32 -15.94 -16.24
CA SER A 493 5.06 -16.51 -14.93
C SER A 493 4.79 -15.40 -13.91
N ILE A 494 4.04 -15.75 -12.87
CA ILE A 494 3.73 -14.80 -11.81
C ILE A 494 4.98 -14.47 -11.00
N LYS A 495 5.96 -15.38 -10.97
CA LYS A 495 7.15 -15.18 -10.17
C LYS A 495 8.08 -14.12 -10.75
N ASP A 496 7.89 -13.75 -12.02
CA ASP A 496 8.75 -12.76 -12.66
C ASP A 496 8.31 -11.32 -12.40
N VAL A 497 7.11 -11.10 -11.87
CA VAL A 497 6.63 -9.76 -11.57
C VAL A 497 6.60 -9.46 -10.08
N ILE A 498 6.85 -10.45 -9.23
CA ILE A 498 6.96 -10.24 -7.79
C ILE A 498 8.44 -10.24 -7.43
N LEU A 499 8.86 -9.27 -6.61
CA LEU A 499 10.27 -9.16 -6.24
C LEU A 499 10.77 -10.44 -5.58
N PHE A 500 10.12 -10.86 -4.50
CA PHE A 500 10.48 -12.05 -3.75
C PHE A 500 9.29 -13.00 -3.74
N PRO A 501 9.11 -13.78 -4.81
CA PRO A 501 7.98 -14.72 -4.85
C PRO A 501 8.14 -15.82 -3.81
N THR A 502 7.00 -16.38 -3.41
CA THR A 502 6.99 -17.41 -2.38
C THR A 502 7.40 -18.75 -2.95
N MET A 503 8.41 -19.38 -2.34
CA MET A 503 8.87 -20.69 -2.77
C MET A 503 9.55 -21.36 -1.59
N ARG A 504 9.54 -22.71 -1.61
CA ARG A 504 10.03 -23.59 -0.56
C ARG A 504 11.45 -24.08 -0.88
N PRO A 505 12.28 -24.32 0.16
CA PRO A 505 13.64 -24.82 -0.01
C PRO A 505 13.70 -26.17 -0.73
N PRO B 4 -36.71 1.27 19.03
CA PRO B 4 -36.19 -0.06 19.35
C PRO B 4 -35.96 -0.89 18.09
N ARG B 5 -36.15 -2.21 18.21
CA ARG B 5 -36.25 -3.05 17.02
C ARG B 5 -37.57 -2.82 16.28
N LEU B 6 -38.50 -2.10 16.89
CA LEU B 6 -39.80 -1.83 16.26
C LEU B 6 -39.64 -0.95 15.03
N TYR B 7 -38.75 0.06 15.10
CA TYR B 7 -38.56 0.96 13.98
C TYR B 7 -38.00 0.23 12.77
N PHE B 8 -37.10 -0.73 13.00
CA PHE B 8 -36.59 -1.53 11.90
C PHE B 8 -37.69 -2.39 11.28
N GLU B 9 -38.61 -2.89 12.11
CA GLU B 9 -39.68 -3.74 11.59
C GLU B 9 -40.70 -2.94 10.80
N ASN B 10 -40.85 -1.65 11.09
CA ASN B 10 -41.75 -0.79 10.32
C ASN B 10 -41.13 -0.41 8.98
N ARG B 11 -39.87 0.01 8.99
CA ARG B 11 -39.21 0.40 7.75
C ARG B 11 -38.98 -0.80 6.84
N SER B 12 -38.75 -1.98 7.41
CA SER B 12 -38.53 -3.16 6.58
C SER B 12 -39.78 -3.54 5.80
N LYS B 13 -40.96 -3.42 6.42
CA LYS B 13 -42.20 -3.72 5.73
C LYS B 13 -42.69 -2.57 4.86
N PHE B 14 -42.17 -1.35 5.07
CA PHE B 14 -42.44 -0.28 4.12
C PHE B 14 -41.75 -0.55 2.79
N ILE B 15 -40.53 -1.10 2.83
CA ILE B 15 -39.84 -1.48 1.61
C ILE B 15 -40.64 -2.51 0.83
N GLN B 16 -41.27 -3.44 1.55
CA GLN B 16 -42.13 -4.43 0.90
C GLN B 16 -43.35 -3.77 0.27
N ASP B 17 -43.89 -2.74 0.92
CA ASP B 17 -45.06 -2.05 0.38
C ASP B 17 -44.75 -1.41 -0.97
N GLN B 18 -43.65 -0.66 -1.05
CA GLN B 18 -43.29 -0.02 -2.31
C GLN B 18 -42.98 -1.06 -3.38
N LYS B 19 -42.38 -2.18 -2.99
CA LYS B 19 -42.17 -3.27 -3.94
C LYS B 19 -43.50 -3.86 -4.40
N ASP B 20 -44.48 -3.94 -3.50
CA ASP B 20 -45.81 -4.43 -3.88
C ASP B 20 -46.57 -3.40 -4.69
N LYS B 21 -46.32 -2.11 -4.45
CA LYS B 21 -46.96 -1.04 -5.21
C LYS B 21 -46.25 -0.78 -6.55
N GLY B 22 -45.37 -1.67 -6.99
CA GLY B 22 -44.72 -1.53 -8.27
C GLY B 22 -43.59 -0.52 -8.30
N ILE B 23 -43.10 -0.07 -7.15
CA ILE B 23 -42.03 0.91 -7.08
C ILE B 23 -40.76 0.20 -6.63
N ASN B 24 -39.65 0.49 -7.31
CA ASN B 24 -38.36 -0.06 -6.93
C ASN B 24 -37.72 0.83 -5.89
N PRO B 25 -37.67 0.43 -4.61
CA PRO B 25 -37.04 1.28 -3.59
C PRO B 25 -35.52 1.30 -3.68
N TYR B 26 -34.93 0.39 -4.46
CA TYR B 26 -33.48 0.37 -4.69
C TYR B 26 -33.24 0.38 -6.20
N PRO B 27 -33.44 1.51 -6.85
CA PRO B 27 -33.21 1.60 -8.30
C PRO B 27 -31.72 1.44 -8.62
N HIS B 28 -31.45 1.21 -9.89
CA HIS B 28 -30.10 0.85 -10.31
C HIS B 28 -29.23 2.08 -10.52
N LYS B 29 -29.64 2.99 -11.41
CA LYS B 29 -28.82 4.12 -11.79
C LYS B 29 -29.60 5.42 -11.63
N PHE B 30 -28.98 6.39 -10.97
CA PHE B 30 -29.46 7.77 -10.93
C PHE B 30 -28.29 8.66 -11.33
N GLU B 31 -28.42 9.35 -12.45
CA GLU B 31 -27.32 10.12 -13.03
C GLU B 31 -27.15 11.42 -12.26
N ARG B 32 -26.18 11.45 -11.35
CA ARG B 32 -25.87 12.67 -10.62
C ARG B 32 -25.11 13.62 -11.54
N THR B 33 -25.66 14.82 -11.74
CA THR B 33 -25.03 15.82 -12.58
C THR B 33 -24.20 16.82 -11.79
N ILE B 34 -24.22 16.75 -10.46
CA ILE B 34 -23.42 17.61 -9.60
C ILE B 34 -23.43 17.06 -8.18
N SER B 35 -22.27 17.04 -7.53
CA SER B 35 -22.20 16.60 -6.15
C SER B 35 -22.56 17.73 -5.20
N ILE B 36 -22.78 17.39 -3.93
CA ILE B 36 -23.15 18.39 -2.94
C ILE B 36 -22.04 19.42 -2.73
N PRO B 37 -20.76 19.03 -2.52
CA PRO B 37 -19.72 20.06 -2.42
C PRO B 37 -19.58 20.90 -3.67
N GLU B 38 -19.69 20.27 -4.85
CA GLU B 38 -19.67 21.04 -6.10
C GLU B 38 -20.87 21.95 -6.20
N PHE B 39 -22.03 21.50 -5.69
CA PHE B 39 -23.21 22.35 -5.68
C PHE B 39 -22.98 23.64 -4.90
N ILE B 40 -22.23 23.55 -3.80
CA ILE B 40 -22.00 24.73 -2.96
C ILE B 40 -21.14 25.74 -3.71
N GLU B 41 -19.98 25.32 -4.20
CA GLU B 41 -19.04 26.26 -4.81
C GLU B 41 -19.65 26.98 -6.00
N LYS B 42 -20.53 26.32 -6.75
CA LYS B 42 -21.13 26.94 -7.93
C LYS B 42 -22.21 27.95 -7.59
N TYR B 43 -22.83 27.85 -6.40
CA TYR B 43 -23.93 28.75 -6.07
C TYR B 43 -23.85 29.28 -4.64
N LYS B 44 -22.66 29.34 -4.03
CA LYS B 44 -22.56 29.80 -2.64
C LYS B 44 -22.68 31.31 -2.52
N ASP B 45 -22.49 32.05 -3.61
CA ASP B 45 -22.57 33.51 -3.58
C ASP B 45 -23.84 34.01 -4.27
N LEU B 46 -24.94 33.29 -4.09
CA LEU B 46 -26.24 33.72 -4.60
C LEU B 46 -26.92 34.62 -3.57
N GLY B 47 -27.77 35.51 -4.07
CA GLY B 47 -28.52 36.38 -3.18
C GLY B 47 -29.61 35.64 -2.44
N ASN B 48 -30.04 36.22 -1.32
CA ASN B 48 -31.10 35.62 -0.52
C ASN B 48 -32.41 35.66 -1.29
N GLY B 49 -33.07 34.50 -1.37
CA GLY B 49 -34.30 34.38 -2.12
C GLY B 49 -34.13 34.28 -3.62
N GLU B 50 -32.90 34.36 -4.13
CA GLU B 50 -32.65 34.29 -5.57
C GLU B 50 -32.73 32.84 -6.04
N HIS B 51 -33.58 32.60 -7.02
CA HIS B 51 -33.80 31.26 -7.58
C HIS B 51 -33.36 31.22 -9.03
N LEU B 52 -32.64 30.16 -9.38
CA LEU B 52 -32.32 29.84 -10.77
C LEU B 52 -33.21 28.68 -11.22
N GLU B 53 -34.51 28.95 -11.31
CA GLU B 53 -35.52 27.94 -11.63
C GLU B 53 -35.36 27.34 -13.02
N ASP B 54 -34.42 27.83 -13.84
CA ASP B 54 -34.25 27.36 -15.21
C ASP B 54 -32.88 26.73 -15.43
N THR B 55 -32.31 26.15 -14.37
CA THR B 55 -31.07 25.38 -14.44
C THR B 55 -31.32 24.12 -13.61
N ILE B 56 -31.80 23.07 -14.27
CA ILE B 56 -32.25 21.87 -13.59
C ILE B 56 -31.05 20.97 -13.31
N LEU B 57 -30.81 20.68 -12.04
CA LEU B 57 -29.73 19.81 -11.61
C LEU B 57 -30.26 18.45 -11.20
N ASN B 58 -29.36 17.47 -11.15
CA ASN B 58 -29.62 16.16 -10.58
C ASN B 58 -28.62 15.93 -9.46
N ILE B 59 -29.11 15.82 -8.22
CA ILE B 59 -28.25 15.73 -7.05
C ILE B 59 -28.65 14.52 -6.22
N THR B 60 -27.69 14.01 -5.46
CA THR B 60 -27.94 12.88 -4.57
C THR B 60 -27.52 13.23 -3.14
N GLY B 61 -27.50 12.24 -2.25
CA GLY B 61 -27.11 12.47 -0.88
C GLY B 61 -27.96 11.71 0.12
N ARG B 62 -27.66 11.89 1.40
CA ARG B 62 -28.39 11.23 2.48
C ARG B 62 -29.19 12.25 3.28
N ILE B 63 -30.39 11.86 3.69
CA ILE B 63 -31.25 12.72 4.50
C ILE B 63 -30.82 12.60 5.95
N MET B 64 -30.48 13.73 6.57
CA MET B 64 -30.06 13.74 7.96
C MET B 64 -30.95 14.60 8.86
N ARG B 65 -32.01 15.20 8.32
CA ARG B 65 -32.97 15.94 9.13
C ARG B 65 -34.24 16.21 8.33
N VAL B 66 -35.39 15.77 8.85
CA VAL B 66 -36.69 16.02 8.25
C VAL B 66 -37.43 17.02 9.13
N SER B 67 -37.89 18.12 8.54
CA SER B 67 -38.53 19.18 9.28
C SER B 67 -40.04 19.02 9.27
N ALA B 68 -40.75 20.08 9.66
CA ALA B 68 -42.20 20.00 9.85
C ALA B 68 -42.92 19.69 8.55
N SER B 69 -43.99 18.91 8.65
CA SER B 69 -44.74 18.44 7.50
C SER B 69 -45.87 19.42 7.15
N GLY B 70 -45.49 20.67 6.92
CA GLY B 70 -46.41 21.64 6.39
C GLY B 70 -46.87 21.19 5.02
N GLN B 71 -48.19 21.10 4.82
CA GLN B 71 -48.75 20.48 3.62
C GLN B 71 -48.45 21.26 2.34
N LYS B 72 -47.55 22.24 2.39
CA LYS B 72 -47.09 22.95 1.20
C LYS B 72 -45.58 23.13 1.12
N LEU B 73 -44.86 23.23 2.23
CA LEU B 73 -43.41 23.41 2.24
C LEU B 73 -42.78 22.31 3.07
N ARG B 74 -41.77 21.65 2.52
CA ARG B 74 -41.03 20.60 3.20
C ARG B 74 -39.55 20.96 3.24
N PHE B 75 -38.94 20.82 4.41
CA PHE B 75 -37.53 21.15 4.60
C PHE B 75 -36.77 19.89 4.98
N PHE B 76 -35.62 19.69 4.32
CA PHE B 76 -34.80 18.51 4.57
C PHE B 76 -33.34 18.93 4.65
N ASP B 77 -32.50 18.02 5.12
CA ASP B 77 -31.05 18.20 5.17
C ASP B 77 -30.39 17.11 4.33
N LEU B 78 -29.71 17.52 3.27
CA LEU B 78 -29.04 16.60 2.35
C LEU B 78 -27.54 16.70 2.59
N VAL B 79 -26.94 15.62 3.06
CA VAL B 79 -25.51 15.57 3.37
C VAL B 79 -24.85 14.58 2.43
N GLY B 80 -23.67 14.96 1.93
CA GLY B 80 -22.91 14.10 1.04
C GLY B 80 -21.48 14.56 0.88
N ASP B 81 -20.55 13.61 0.83
CA ASP B 81 -19.12 13.89 0.70
C ASP B 81 -18.60 14.80 1.82
N GLY B 82 -19.23 14.69 3.00
CA GLY B 82 -18.78 15.43 4.17
C GLY B 82 -19.33 16.82 4.32
N GLU B 83 -20.25 17.25 3.45
CA GLU B 83 -20.83 18.58 3.53
C GLU B 83 -22.34 18.49 3.36
N LYS B 84 -23.04 19.50 3.88
CA LYS B 84 -24.49 19.47 4.03
C LYS B 84 -25.12 20.66 3.33
N ILE B 85 -26.29 20.43 2.72
CA ILE B 85 -27.13 21.49 2.16
C ILE B 85 -28.56 21.26 2.62
N GLN B 86 -29.42 22.21 2.30
CA GLN B 86 -30.84 22.14 2.64
C GLN B 86 -31.65 21.78 1.40
N VAL B 87 -32.79 21.13 1.64
CA VAL B 87 -33.72 20.76 0.57
C VAL B 87 -35.07 21.39 0.89
N LEU B 88 -35.55 22.26 0.01
CA LEU B 88 -36.82 22.97 0.19
C LEU B 88 -37.80 22.46 -0.86
N ALA B 89 -38.66 21.53 -0.47
CA ALA B 89 -39.66 20.96 -1.35
C ALA B 89 -40.93 21.80 -1.26
N ASN B 90 -41.22 22.54 -2.33
CA ASN B 90 -42.37 23.42 -2.40
C ASN B 90 -43.44 22.80 -3.30
N TYR B 91 -44.70 22.86 -2.86
CA TYR B 91 -45.79 22.32 -3.67
C TYR B 91 -45.92 23.06 -4.99
N SER B 92 -45.56 24.34 -5.02
CA SER B 92 -45.66 25.10 -6.27
C SER B 92 -44.64 24.63 -7.29
N PHE B 93 -43.44 24.27 -6.85
CA PHE B 93 -42.38 23.83 -7.74
C PHE B 93 -42.39 22.33 -7.99
N HIS B 94 -43.13 21.56 -7.19
CA HIS B 94 -43.13 20.11 -7.34
C HIS B 94 -43.90 19.70 -8.59
N ASN B 95 -43.42 18.63 -9.24
CA ASN B 95 -44.06 18.08 -10.43
C ASN B 95 -45.06 17.02 -9.98
N HIS B 96 -46.35 17.36 -10.03
CA HIS B 96 -47.40 16.44 -9.62
C HIS B 96 -47.66 15.34 -10.64
N GLU B 97 -46.91 15.32 -11.75
CA GLU B 97 -47.12 14.29 -12.76
C GLU B 97 -46.68 12.92 -12.28
N LYS B 98 -45.74 12.86 -11.35
CA LYS B 98 -45.13 11.60 -10.92
C LYS B 98 -45.68 11.07 -9.61
N GLY B 99 -46.52 11.84 -8.92
CA GLY B 99 -47.08 11.38 -7.67
C GLY B 99 -47.54 12.54 -6.81
N ASN B 100 -48.35 12.22 -5.82
CA ASN B 100 -48.88 13.24 -4.93
C ASN B 100 -47.76 13.83 -4.08
N PHE B 101 -47.82 15.16 -3.89
CA PHE B 101 -46.76 15.86 -3.16
C PHE B 101 -46.64 15.32 -1.74
N ALA B 102 -47.74 15.29 -1.00
CA ALA B 102 -47.69 14.78 0.36
C ALA B 102 -47.32 13.31 0.41
N GLU B 103 -47.75 12.53 -0.59
CA GLU B 103 -47.48 11.10 -0.58
C GLU B 103 -46.01 10.80 -0.83
N CYS B 104 -45.34 11.61 -1.66
CA CYS B 104 -43.95 11.36 -2.04
C CYS B 104 -42.94 12.03 -1.12
N TYR B 105 -43.38 12.55 0.03
CA TYR B 105 -42.47 13.13 1.02
C TYR B 105 -42.71 12.65 2.44
N ASP B 106 -43.92 12.19 2.78
CA ASP B 106 -44.15 11.61 4.11
C ASP B 106 -43.42 10.29 4.30
N LYS B 107 -43.07 9.62 3.20
CA LYS B 107 -42.42 8.31 3.26
C LYS B 107 -40.90 8.41 3.42
N ILE B 108 -40.34 9.61 3.37
CA ILE B 108 -38.89 9.80 3.48
C ILE B 108 -38.55 9.97 4.95
N ARG B 109 -37.85 8.99 5.52
CA ARG B 109 -37.38 9.03 6.89
C ARG B 109 -35.95 9.56 6.95
N ARG B 110 -35.51 9.90 8.15
CA ARG B 110 -34.14 10.37 8.34
C ARG B 110 -33.15 9.22 8.13
N GLY B 111 -32.16 9.46 7.27
CA GLY B 111 -31.17 8.45 6.93
C GLY B 111 -31.30 7.90 5.53
N ASP B 112 -32.36 8.25 4.81
CA ASP B 112 -32.61 7.68 3.49
C ASP B 112 -31.73 8.33 2.44
N ILE B 113 -31.17 7.50 1.56
CA ILE B 113 -30.43 7.98 0.40
C ILE B 113 -31.46 8.32 -0.69
N VAL B 114 -31.48 9.59 -1.11
CA VAL B 114 -32.49 10.05 -2.05
C VAL B 114 -31.80 10.63 -3.28
N GLY B 115 -32.54 10.63 -4.39
CA GLY B 115 -32.11 11.27 -5.61
C GLY B 115 -33.06 12.39 -5.99
N ILE B 116 -32.53 13.60 -6.17
CA ILE B 116 -33.34 14.81 -6.28
C ILE B 116 -33.10 15.44 -7.64
N VAL B 117 -34.20 15.83 -8.30
CA VAL B 117 -34.16 16.63 -9.52
C VAL B 117 -34.73 18.00 -9.16
N GLY B 118 -33.91 19.03 -9.26
CA GLY B 118 -34.34 20.36 -8.88
C GLY B 118 -33.46 21.43 -9.47
N PHE B 119 -33.55 22.62 -8.87
CA PHE B 119 -32.82 23.79 -9.30
C PHE B 119 -32.21 24.49 -8.10
N PRO B 120 -31.07 25.17 -8.27
CA PRO B 120 -30.41 25.80 -7.13
C PRO B 120 -31.08 27.13 -6.77
N GLY B 121 -30.71 27.61 -5.58
CA GLY B 121 -31.26 28.86 -5.09
C GLY B 121 -30.97 29.01 -3.61
N LYS B 122 -31.41 30.13 -3.07
CA LYS B 122 -31.27 30.43 -1.65
C LYS B 122 -32.64 30.72 -1.04
N SER B 123 -32.76 30.41 0.25
CA SER B 123 -33.96 30.76 0.98
C SER B 123 -34.01 32.26 1.22
N LYS B 124 -35.23 32.77 1.43
CA LYS B 124 -35.38 34.15 1.84
C LYS B 124 -34.71 34.41 3.18
N LYS B 125 -34.52 33.37 3.99
CA LYS B 125 -33.76 33.51 5.22
C LYS B 125 -32.27 33.67 4.94
N GLY B 126 -31.74 32.87 4.03
CA GLY B 126 -30.34 32.98 3.65
C GLY B 126 -29.61 31.65 3.58
N GLU B 127 -30.35 30.56 3.54
CA GLU B 127 -29.78 29.22 3.52
C GLU B 127 -29.76 28.69 2.09
N LEU B 128 -28.60 28.22 1.65
CA LEU B 128 -28.46 27.65 0.31
C LEU B 128 -29.19 26.32 0.25
N SER B 129 -30.17 26.21 -0.64
CA SER B 129 -31.02 25.04 -0.73
C SER B 129 -31.19 24.60 -2.17
N ILE B 130 -31.46 23.31 -2.36
CA ILE B 130 -31.86 22.76 -3.64
C ILE B 130 -33.38 22.57 -3.61
N PHE B 131 -34.06 23.04 -4.65
CA PHE B 131 -35.52 23.02 -4.68
C PHE B 131 -36.00 21.90 -5.59
N PRO B 132 -36.43 20.77 -5.05
CA PRO B 132 -36.79 19.63 -5.91
C PRO B 132 -38.13 19.82 -6.61
N LYS B 133 -38.15 19.44 -7.88
CA LYS B 133 -39.39 19.18 -8.60
C LYS B 133 -39.72 17.69 -8.64
N GLU B 134 -38.83 16.85 -8.13
CA GLU B 134 -38.95 15.40 -8.21
C GLU B 134 -37.98 14.76 -7.23
N THR B 135 -38.47 13.85 -6.39
CA THR B 135 -37.65 13.21 -5.37
C THR B 135 -37.90 11.71 -5.39
N ILE B 136 -36.83 10.94 -5.49
CA ILE B 136 -36.89 9.48 -5.57
C ILE B 136 -36.05 8.90 -4.44
N LEU B 137 -36.52 7.78 -3.88
CA LEU B 137 -35.75 7.05 -2.89
C LEU B 137 -34.77 6.10 -3.60
N LEU B 138 -33.49 6.26 -3.31
CA LEU B 138 -32.46 5.41 -3.93
C LEU B 138 -32.02 4.27 -3.04
N SER B 139 -31.99 4.46 -1.73
CA SER B 139 -31.60 3.41 -0.80
C SER B 139 -32.08 3.82 0.59
N ALA B 140 -33.08 3.12 1.11
CA ALA B 140 -33.68 3.49 2.39
C ALA B 140 -32.82 3.00 3.55
N CYS B 141 -32.92 3.73 4.67
CA CYS B 141 -32.25 3.36 5.91
C CYS B 141 -33.27 2.69 6.83
N LEU B 142 -33.09 1.40 7.07
CA LEU B 142 -34.08 0.63 7.82
C LEU B 142 -34.03 0.93 9.32
N HIS B 143 -32.85 1.25 9.86
CA HIS B 143 -32.72 1.52 11.28
C HIS B 143 -32.82 3.02 11.54
N MET B 144 -32.65 3.40 12.81
CA MET B 144 -32.73 4.79 13.24
C MET B 144 -31.31 5.31 13.47
N LEU B 145 -30.95 6.37 12.75
CA LEU B 145 -29.63 6.95 12.92
C LEU B 145 -29.56 7.71 14.24
N PRO B 146 -28.44 7.66 14.95
CA PRO B 146 -28.31 8.40 16.20
C PRO B 146 -28.22 9.90 15.94
N MET B 147 -28.23 10.67 17.02
CA MET B 147 -28.14 12.11 16.91
C MET B 147 -26.67 12.52 16.78
N LYS B 148 -26.48 13.77 16.34
CA LYS B 148 -25.17 14.26 15.93
C LYS B 148 -24.21 14.39 17.10
N TYR B 149 -24.64 13.99 18.28
CA TYR B 149 -23.78 13.87 19.45
C TYR B 149 -24.18 12.65 20.28
N GLY B 150 -24.29 11.50 19.62
CA GLY B 150 -24.72 10.28 20.28
C GLY B 150 -23.66 9.20 20.33
N LEU B 151 -22.48 9.48 19.80
CA LEU B 151 -21.38 8.52 19.82
C LEU B 151 -20.19 9.07 20.61
N THR B 154 -18.82 4.95 24.64
CA THR B 154 -19.25 4.95 23.24
C THR B 154 -18.19 4.32 22.34
N GLU B 155 -18.20 2.99 22.26
CA GLU B 155 -17.30 2.26 21.39
C GLU B 155 -17.97 1.77 20.12
N ILE B 156 -19.20 2.23 19.84
CA ILE B 156 -19.87 1.88 18.60
C ILE B 156 -19.11 2.42 17.40
N ARG B 157 -18.34 3.50 17.60
CA ARG B 157 -17.51 4.06 16.54
C ARG B 157 -16.50 3.06 16.00
N TYR B 158 -16.16 2.03 16.78
CA TYR B 158 -15.17 1.04 16.36
C TYR B 158 -15.80 -0.11 15.59
N ARG B 159 -16.99 -0.56 15.99
CA ARG B 159 -17.66 -1.67 15.32
C ARG B 159 -18.47 -1.21 14.13
N GLN B 160 -19.27 -0.16 14.30
CA GLN B 160 -20.09 0.41 13.23
C GLN B 160 -19.49 1.74 12.80
N ARG B 161 -18.30 1.65 12.20
CA ARG B 161 -17.57 2.85 11.77
C ARG B 161 -18.33 3.65 10.73
N TYR B 162 -19.22 3.01 9.97
CA TYR B 162 -20.02 3.74 9.00
C TYR B 162 -20.93 4.75 9.68
N LEU B 163 -21.44 4.42 10.87
CA LEU B 163 -22.23 5.39 11.63
C LEU B 163 -21.35 6.51 12.15
N ASP B 164 -20.13 6.18 12.60
CA ASP B 164 -19.23 7.19 13.16
C ASP B 164 -18.78 8.19 12.09
N LEU B 165 -18.72 7.77 10.83
CA LEU B 165 -18.35 8.68 9.75
C LEU B 165 -19.52 9.58 9.32
N LEU B 166 -20.76 9.17 9.60
CA LEU B 166 -21.93 9.94 9.22
C LEU B 166 -22.39 10.90 10.31
N ILE B 167 -22.12 10.58 11.57
CA ILE B 167 -22.68 11.34 12.69
C ILE B 167 -21.67 12.38 13.17
N ASN B 168 -20.48 11.93 13.59
CA ASN B 168 -19.47 12.80 14.15
C ASN B 168 -18.64 13.39 13.02
N GLU B 169 -18.66 14.72 12.90
CA GLU B 169 -17.88 15.39 11.87
C GLU B 169 -16.39 15.23 12.09
N SER B 170 -15.97 15.04 13.35
CA SER B 170 -14.55 14.92 13.67
C SER B 170 -13.94 13.66 13.08
N SER B 171 -14.73 12.61 12.90
CA SER B 171 -14.18 11.34 12.45
C SER B 171 -13.72 11.41 10.99
N ARG B 172 -14.53 12.03 10.12
CA ARG B 172 -14.13 12.18 8.73
C ARG B 172 -12.81 12.95 8.62
N HIS B 173 -12.74 14.11 9.28
CA HIS B 173 -11.51 14.90 9.27
C HIS B 173 -10.30 14.07 9.69
N THR B 174 -10.47 13.21 10.69
CA THR B 174 -9.36 12.39 11.17
C THR B 174 -8.79 11.53 10.04
N PHE B 175 -9.66 10.96 9.20
CA PHE B 175 -9.20 10.09 8.12
C PHE B 175 -8.90 10.85 6.84
N VAL B 176 -9.48 12.03 6.64
CA VAL B 176 -9.07 12.85 5.49
C VAL B 176 -7.66 13.36 5.68
N THR B 177 -7.21 13.51 6.94
CA THR B 177 -5.83 13.90 7.18
C THR B 177 -4.88 12.70 7.31
N ARG B 178 -5.38 11.54 7.72
CA ARG B 178 -4.54 10.36 7.78
C ARG B 178 -3.97 10.01 6.40
N THR B 179 -4.86 9.85 5.42
CA THR B 179 -4.41 9.56 4.06
C THR B 179 -3.69 10.76 3.45
N LYS B 180 -3.86 11.95 4.01
CA LYS B 180 -3.05 13.09 3.58
C LYS B 180 -1.64 13.00 4.12
N ILE B 181 -1.48 12.48 5.34
CA ILE B 181 -0.15 12.24 5.89
C ILE B 181 0.57 11.19 5.04
N ILE B 182 -0.14 10.15 4.62
CA ILE B 182 0.46 9.10 3.82
C ILE B 182 0.78 9.61 2.42
N ASN B 183 -0.14 10.37 1.81
CA ASN B 183 0.11 10.90 0.47
C ASN B 183 1.28 11.88 0.48
N PHE B 184 1.40 12.68 1.53
CA PHE B 184 2.55 13.58 1.64
C PHE B 184 3.83 12.80 1.81
N LEU B 185 3.80 11.69 2.56
CA LEU B 185 4.99 10.88 2.75
C LEU B 185 5.42 10.21 1.44
N ARG B 186 4.45 9.71 0.66
CA ARG B 186 4.78 9.09 -0.62
C ARG B 186 5.36 10.10 -1.59
N ASN B 187 4.77 11.29 -1.67
CA ASN B 187 5.30 12.33 -2.54
C ASN B 187 6.65 12.84 -2.05
N PHE B 188 6.86 12.87 -0.72
CA PHE B 188 8.12 13.35 -0.17
C PHE B 188 9.28 12.47 -0.61
N LEU B 189 9.05 11.16 -0.68
CA LEU B 189 10.10 10.25 -1.11
C LEU B 189 10.17 10.16 -2.63
N ASN B 190 9.02 10.18 -3.31
CA ASN B 190 9.03 10.14 -4.77
C ASN B 190 9.71 11.37 -5.36
N GLU B 191 9.45 12.54 -4.78
CA GLU B 191 10.09 13.76 -5.26
C GLU B 191 11.59 13.82 -4.94
N ARG B 192 12.08 12.90 -4.10
CA ARG B 192 13.51 12.80 -3.82
C ARG B 192 14.15 11.61 -4.52
N GLY B 193 13.47 11.04 -5.52
CA GLY B 193 14.06 9.99 -6.32
C GLY B 193 13.99 8.60 -5.73
N PHE B 194 13.01 8.33 -4.88
CA PHE B 194 12.89 7.01 -4.27
C PHE B 194 12.04 6.09 -5.14
N PHE B 195 11.87 4.85 -4.70
CA PHE B 195 11.29 3.79 -5.53
C PHE B 195 10.40 2.92 -4.64
N GLU B 196 9.08 3.08 -4.78
CA GLU B 196 8.14 2.28 -4.01
C GLU B 196 8.09 0.86 -4.55
N VAL B 197 8.23 -0.11 -3.67
CA VAL B 197 8.20 -1.53 -4.06
C VAL B 197 7.22 -2.28 -3.18
N GLU B 198 7.24 -3.61 -3.27
CA GLU B 198 6.36 -4.47 -2.51
C GLU B 198 7.13 -5.73 -2.11
N THR B 199 7.37 -5.89 -0.81
CA THR B 199 8.06 -7.06 -0.30
C THR B 199 7.06 -8.02 0.35
N PRO B 200 7.36 -9.32 0.38
CA PRO B 200 6.37 -10.29 0.86
C PRO B 200 6.07 -10.12 2.34
N MET B 201 4.93 -10.69 2.75
CA MET B 201 4.50 -10.69 4.14
C MET B 201 4.63 -12.04 4.81
N MET B 202 4.75 -13.12 4.05
CA MET B 202 4.90 -14.46 4.58
C MET B 202 6.28 -14.98 4.24
N ASN B 203 7.10 -15.25 5.26
CA ASN B 203 8.46 -15.73 5.08
C ASN B 203 8.70 -16.96 5.95
N LEU B 204 9.97 -17.36 6.09
CA LEU B 204 10.30 -18.50 6.93
C LEU B 204 10.91 -18.12 8.27
N ILE B 205 11.33 -16.86 8.44
CA ILE B 205 11.74 -16.35 9.74
C ILE B 205 11.54 -14.85 9.73
N ALA B 206 11.03 -14.32 10.84
CA ALA B 206 10.61 -12.93 10.92
C ALA B 206 11.74 -12.08 11.51
N GLY B 207 12.09 -11.02 10.79
CA GLY B 207 13.13 -10.11 11.24
C GLY B 207 13.12 -8.78 10.51
N ASN B 210 12.44 -7.88 17.73
CA ASN B 210 11.69 -7.73 18.98
C ASN B 210 10.20 -7.83 18.73
N ALA B 211 9.72 -9.04 18.44
CA ALA B 211 8.31 -9.26 18.14
C ALA B 211 8.01 -10.75 18.19
N ARG B 212 6.78 -11.07 18.62
CA ARG B 212 6.25 -12.42 18.55
C ARG B 212 5.54 -12.62 17.21
N PRO B 213 5.78 -13.72 16.50
CA PRO B 213 5.29 -13.83 15.13
C PRO B 213 3.89 -14.42 15.00
N PHE B 214 3.12 -13.85 14.08
CA PHE B 214 1.88 -14.48 13.64
C PHE B 214 2.23 -15.67 12.76
N ILE B 215 1.81 -16.86 13.17
CA ILE B 215 2.10 -18.09 12.45
C ILE B 215 0.91 -18.47 11.59
N THR B 216 1.14 -18.67 10.30
CA THR B 216 0.12 -19.13 9.38
C THR B 216 0.67 -20.29 8.57
N HIS B 217 -0.23 -21.06 7.96
CA HIS B 217 0.12 -22.28 7.26
C HIS B 217 -0.33 -22.18 5.80
N HIS B 218 0.57 -22.54 4.89
CA HIS B 218 0.26 -22.64 3.47
C HIS B 218 -0.09 -24.09 3.14
N ASN B 219 -1.32 -24.32 2.70
CA ASN B 219 -1.78 -25.68 2.49
C ASN B 219 -1.08 -26.35 1.32
N ASP B 220 -0.72 -25.58 0.28
CA ASP B 220 -0.11 -26.18 -0.91
C ASP B 220 1.35 -26.54 -0.70
N LEU B 221 2.04 -25.86 0.21
CA LEU B 221 3.46 -26.09 0.46
C LEU B 221 3.73 -26.78 1.78
N ASP B 222 2.76 -26.83 2.69
CA ASP B 222 2.87 -27.51 3.98
C ASP B 222 4.11 -27.03 4.75
N LEU B 223 4.03 -25.77 5.18
CA LEU B 223 5.09 -25.16 5.95
C LEU B 223 4.55 -23.92 6.65
N ASP B 224 4.96 -23.73 7.90
CA ASP B 224 4.52 -22.58 8.67
C ASP B 224 5.30 -21.34 8.26
N LEU B 225 4.58 -20.24 8.02
CA LEU B 225 5.18 -18.99 7.58
C LEU B 225 4.89 -17.90 8.59
N TYR B 226 5.92 -17.10 8.89
CA TYR B 226 5.80 -16.00 9.83
C TYR B 226 5.29 -14.75 9.11
N LEU B 227 4.22 -14.17 9.62
CA LEU B 227 3.78 -12.86 9.13
C LEU B 227 4.84 -11.82 9.47
N ARG B 228 5.16 -10.98 8.50
CA ARG B 228 6.33 -10.10 8.64
C ARG B 228 6.12 -9.11 9.78
N ILE B 229 7.19 -8.92 10.57
CA ILE B 229 7.19 -7.93 11.64
C ILE B 229 7.84 -6.62 11.20
N ALA B 230 8.63 -6.64 10.13
CA ALA B 230 9.29 -5.45 9.61
C ALA B 230 9.75 -5.74 8.19
N THR B 231 9.59 -4.74 7.31
CA THR B 231 10.06 -4.82 5.93
C THR B 231 11.55 -4.47 5.80
N GLU B 232 12.33 -4.66 6.86
CA GLU B 232 13.69 -4.14 6.90
C GLU B 232 14.64 -4.95 6.03
N LEU B 233 14.69 -6.27 6.23
CA LEU B 233 15.68 -7.09 5.53
C LEU B 233 15.49 -7.11 4.02
N PRO B 234 14.31 -7.40 3.47
CA PRO B 234 14.21 -7.48 2.00
C PRO B 234 14.47 -6.16 1.30
N LEU B 235 14.21 -5.02 1.96
CA LEU B 235 14.55 -3.74 1.37
C LEU B 235 16.05 -3.54 1.30
N LYS B 236 16.77 -3.95 2.35
CA LYS B 236 18.23 -3.89 2.30
C LYS B 236 18.79 -4.82 1.22
N MET B 237 18.12 -5.94 0.97
CA MET B 237 18.53 -6.81 -0.13
C MET B 237 18.33 -6.12 -1.48
N LEU B 238 17.33 -5.25 -1.58
CA LEU B 238 17.13 -4.48 -2.81
C LEU B 238 18.17 -3.39 -2.99
N ILE B 239 18.77 -2.91 -1.90
CA ILE B 239 19.87 -1.97 -2.01
C ILE B 239 21.08 -2.64 -2.64
N VAL B 240 21.35 -3.90 -2.26
CA VAL B 240 22.42 -4.67 -2.88
C VAL B 240 22.14 -4.87 -4.37
N GLY B 241 20.85 -4.96 -4.74
CA GLY B 241 20.44 -5.16 -6.11
C GLY B 241 20.57 -3.98 -7.03
N GLY B 242 20.98 -2.82 -6.51
CA GLY B 242 21.16 -1.63 -7.31
C GLY B 242 20.16 -0.52 -7.05
N ILE B 243 18.98 -0.86 -6.53
CA ILE B 243 17.97 0.15 -6.20
C ILE B 243 18.48 0.96 -5.02
N ASP B 244 19.11 2.10 -5.32
CA ASP B 244 19.80 2.87 -4.29
C ASP B 244 18.83 3.61 -3.37
N LYS B 245 17.65 3.98 -3.87
CA LYS B 245 16.66 4.71 -3.10
C LYS B 245 15.33 3.97 -3.22
N VAL B 246 14.99 3.20 -2.18
CA VAL B 246 13.81 2.33 -2.19
C VAL B 246 13.03 2.56 -0.90
N TYR B 247 11.72 2.35 -0.97
CA TYR B 247 10.86 2.46 0.20
C TYR B 247 9.63 1.59 0.01
N GLU B 248 8.87 1.43 1.09
CA GLU B 248 7.63 0.67 1.06
C GLU B 248 6.74 1.14 2.20
N ILE B 249 5.44 1.25 1.93
CA ILE B 249 4.45 1.65 2.91
C ILE B 249 3.39 0.54 2.95
N GLY B 250 3.43 -0.28 3.99
CA GLY B 250 2.50 -1.39 4.11
C GLY B 250 2.23 -1.81 5.53
N LYS B 251 1.49 -2.91 5.71
CA LYS B 251 1.14 -3.41 7.03
C LYS B 251 2.23 -4.34 7.56
N VAL B 252 2.52 -4.20 8.85
CA VAL B 252 3.40 -5.12 9.56
C VAL B 252 2.63 -5.67 10.75
N PHE B 253 3.09 -6.80 11.27
CA PHE B 253 2.32 -7.60 12.21
C PHE B 253 3.12 -7.87 13.48
N ARG B 254 2.51 -7.60 14.62
CA ARG B 254 3.07 -7.93 15.93
C ARG B 254 2.03 -8.73 16.69
N ASN B 255 2.38 -9.95 17.10
CA ASN B 255 1.49 -10.77 17.91
C ASN B 255 1.65 -10.47 19.39
N GLU B 256 1.67 -9.18 19.72
CA GLU B 256 1.86 -8.70 21.08
C GLU B 256 0.52 -8.23 21.65
N GLY B 257 0.57 -7.39 22.68
CA GLY B 257 -0.63 -6.99 23.37
C GLY B 257 -1.39 -5.87 22.65
N ILE B 258 -2.63 -5.69 23.07
CA ILE B 258 -3.52 -4.67 22.52
C ILE B 258 -3.84 -3.66 23.61
N ASP B 259 -3.54 -2.40 23.36
CA ASP B 259 -3.89 -1.33 24.28
C ASP B 259 -4.08 -0.05 23.47
N ASN B 260 -3.93 1.10 24.14
CA ASN B 260 -4.25 2.38 23.51
C ASN B 260 -3.25 2.78 22.43
N THR B 261 -2.01 2.26 22.48
CA THR B 261 -0.99 2.66 21.53
C THR B 261 -0.33 1.46 20.84
N HIS B 262 -0.97 0.29 20.89
CA HIS B 262 -0.49 -0.89 20.19
C HIS B 262 -1.65 -1.57 19.48
N ASN B 263 -1.38 -2.08 18.28
CA ASN B 263 -2.34 -2.80 17.48
C ASN B 263 -1.61 -3.97 16.83
N PRO B 264 -2.25 -5.14 16.69
CA PRO B 264 -1.58 -6.29 16.07
C PRO B 264 -1.00 -5.96 14.71
N GLU B 265 -1.84 -5.51 13.79
CA GLU B 265 -1.39 -5.00 12.50
C GLU B 265 -1.35 -3.48 12.55
N PHE B 266 -0.37 -2.90 11.88
CA PHE B 266 -0.25 -1.44 11.87
C PHE B 266 0.60 -1.03 10.68
N THR B 267 0.36 0.20 10.21
CA THR B 267 1.00 0.70 9.00
C THR B 267 2.40 1.21 9.30
N SER B 268 3.36 0.81 8.47
CA SER B 268 4.75 1.22 8.62
C SER B 268 5.29 1.67 7.28
N CYS B 269 6.37 2.45 7.33
CA CYS B 269 7.07 2.90 6.13
C CYS B 269 8.56 2.88 6.39
N GLU B 270 9.31 2.18 5.54
CA GLU B 270 10.76 2.08 5.66
C GLU B 270 11.38 2.44 4.32
N PHE B 271 12.28 3.43 4.33
CA PHE B 271 13.08 3.74 3.15
C PHE B 271 14.55 3.50 3.46
N TYR B 272 15.32 3.25 2.41
CA TYR B 272 16.75 3.00 2.53
C TYR B 272 17.49 3.87 1.53
N TRP B 273 18.50 4.58 2.02
CA TRP B 273 19.18 5.64 1.28
C TRP B 273 20.66 5.25 1.13
N ALA B 274 21.07 4.97 -0.11
CA ALA B 274 22.44 4.57 -0.36
C ALA B 274 23.38 5.76 -0.22
N TYR B 275 24.58 5.49 0.32
CA TYR B 275 25.64 6.49 0.48
C TYR B 275 25.23 7.64 1.40
N ALA B 276 24.20 7.42 2.22
CA ALA B 276 23.78 8.35 3.25
C ALA B 276 23.94 7.68 4.62
N ASP B 277 24.14 8.48 5.66
CA ASP B 277 24.48 7.94 6.97
C ASP B 277 23.58 8.54 8.04
N TYR B 278 24.00 8.37 9.30
CA TYR B 278 23.21 8.78 10.46
C TYR B 278 22.91 10.27 10.44
N ASN B 279 23.87 11.09 10.00
CA ASN B 279 23.64 12.54 9.94
C ASN B 279 22.57 12.89 8.91
N ASP B 280 22.56 12.20 7.76
CA ASP B 280 21.56 12.48 6.74
C ASP B 280 20.16 12.07 7.20
N LEU B 281 20.06 11.03 8.04
CA LEU B 281 18.75 10.59 8.51
C LEU B 281 18.15 11.59 9.49
N ILE B 282 18.99 12.21 10.32
CA ILE B 282 18.50 13.25 11.23
C ILE B 282 17.93 14.41 10.44
N LYS B 283 18.66 14.86 9.41
CA LYS B 283 18.19 15.97 8.61
C LYS B 283 16.91 15.62 7.86
N TRP B 284 16.79 14.36 7.42
CA TRP B 284 15.58 13.94 6.71
C TRP B 284 14.37 14.01 7.62
N SER B 285 14.49 13.51 8.85
CA SER B 285 13.35 13.54 9.78
C SER B 285 13.00 14.96 10.18
N GLU B 286 14.00 15.81 10.39
CA GLU B 286 13.73 17.21 10.71
C GLU B 286 13.05 17.92 9.55
N ASP B 287 13.48 17.64 8.32
CA ASP B 287 12.85 18.25 7.16
C ASP B 287 11.45 17.68 6.94
N PHE B 288 11.27 16.39 7.17
CA PHE B 288 9.99 15.74 6.88
C PHE B 288 8.90 16.21 7.84
N PHE B 289 9.13 16.04 9.15
CA PHE B 289 8.09 16.34 10.12
C PHE B 289 7.75 17.83 10.16
N SER B 290 8.76 18.69 10.00
CA SER B 290 8.49 20.13 9.98
C SER B 290 7.61 20.50 8.80
N GLN B 291 7.97 20.05 7.60
CA GLN B 291 7.15 20.33 6.43
C GLN B 291 5.83 19.56 6.47
N LEU B 292 5.79 18.43 7.17
CA LEU B 292 4.54 17.67 7.28
C LEU B 292 3.49 18.43 8.05
N VAL B 293 3.84 18.92 9.25
CA VAL B 293 2.88 19.64 10.07
C VAL B 293 2.59 21.02 9.49
N TYR B 294 3.54 21.61 8.78
CA TYR B 294 3.27 22.88 8.11
C TYR B 294 2.36 22.68 6.90
N HIS B 295 2.47 21.54 6.23
CA HIS B 295 1.57 21.23 5.12
C HIS B 295 0.13 21.06 5.59
N LEU B 296 -0.05 20.61 6.83
CA LEU B 296 -1.39 20.33 7.36
C LEU B 296 -2.00 21.50 8.11
N PHE B 297 -1.17 22.33 8.75
CA PHE B 297 -1.67 23.35 9.66
C PHE B 297 -1.19 24.76 9.37
N GLY B 298 -0.23 24.94 8.47
CA GLY B 298 0.30 26.27 8.26
C GLY B 298 1.17 26.78 9.39
N THR B 299 1.59 25.89 10.30
CA THR B 299 2.42 26.25 11.43
C THR B 299 3.08 24.99 11.96
N TYR B 300 4.20 25.17 12.66
CA TYR B 300 4.92 24.05 13.24
C TYR B 300 4.46 23.68 14.64
N LYS B 301 3.75 24.59 15.32
CA LYS B 301 3.28 24.32 16.67
C LYS B 301 1.87 23.76 16.62
N ILE B 302 1.67 22.59 17.23
CA ILE B 302 0.38 21.92 17.26
C ILE B 302 -0.05 21.73 18.70
N SER B 303 -1.35 21.58 18.90
CA SER B 303 -1.93 21.36 20.23
C SER B 303 -2.39 19.92 20.33
N TYR B 304 -1.95 19.24 21.40
CA TYR B 304 -2.29 17.84 21.63
C TYR B 304 -2.78 17.66 23.05
N ASN B 305 -3.88 16.93 23.21
CA ASN B 305 -4.48 16.67 24.52
C ASN B 305 -3.98 15.32 25.01
N LYS B 306 -2.89 15.34 25.79
CA LYS B 306 -2.35 14.11 26.35
C LYS B 306 -3.21 13.57 27.48
N ASP B 307 -3.95 14.44 28.16
CA ASP B 307 -4.78 14.06 29.29
C ASP B 307 -6.25 13.96 28.94
N GLY B 308 -6.61 14.09 27.66
CA GLY B 308 -7.98 14.00 27.24
C GLY B 308 -8.58 15.35 26.88
N PRO B 309 -9.76 15.34 26.26
CA PRO B 309 -10.40 16.62 25.88
C PRO B 309 -10.92 17.41 27.05
N GLU B 310 -11.18 16.77 28.20
CA GLU B 310 -11.67 17.50 29.37
C GLU B 310 -10.56 18.28 30.06
N ASN B 311 -9.30 17.94 29.84
CA ASN B 311 -8.17 18.57 30.49
C ASN B 311 -7.42 19.47 29.48
N GLN B 312 -6.37 20.11 29.98
CA GLN B 312 -5.61 21.07 29.21
C GLN B 312 -4.70 20.37 28.21
N PRO B 313 -4.59 20.87 26.98
CA PRO B 313 -3.66 20.28 26.02
C PRO B 313 -2.26 20.86 26.17
N ILE B 314 -1.29 20.14 25.58
CA ILE B 314 0.09 20.57 25.55
C ILE B 314 0.41 21.07 24.14
N GLU B 315 1.50 21.82 24.03
CA GLU B 315 1.94 22.40 22.78
C GLU B 315 3.20 21.68 22.30
N ILE B 316 3.14 21.11 21.10
CA ILE B 316 4.28 20.43 20.49
C ILE B 316 4.82 21.31 19.39
N ASP B 317 6.06 21.77 19.55
CA ASP B 317 6.71 22.63 18.58
C ASP B 317 7.55 21.77 17.64
N PHE B 318 7.28 21.86 16.34
CA PHE B 318 7.97 21.06 15.33
C PHE B 318 9.02 21.85 14.56
N THR B 319 9.47 22.97 15.10
CA THR B 319 10.51 23.75 14.44
C THR B 319 11.86 23.06 14.60
N PRO B 320 12.49 22.59 13.53
CA PRO B 320 13.79 21.94 13.65
C PRO B 320 14.87 22.96 13.99
N PRO B 321 16.00 22.53 14.57
CA PRO B 321 16.35 21.14 14.88
C PRO B 321 15.71 20.64 16.18
N TYR B 322 15.81 19.33 16.41
CA TYR B 322 15.27 18.68 17.60
C TYR B 322 16.41 18.25 18.52
N PRO B 323 16.18 18.18 19.83
CA PRO B 323 17.25 17.77 20.74
C PRO B 323 17.70 16.33 20.48
N LYS B 324 19.01 16.10 20.61
CA LYS B 324 19.60 14.78 20.50
C LYS B 324 20.12 14.37 21.87
N VAL B 325 19.80 13.14 22.28
CA VAL B 325 20.12 12.63 23.60
C VAL B 325 20.69 11.23 23.46
N SER B 326 21.90 11.03 23.96
CA SER B 326 22.51 9.71 23.96
C SER B 326 21.95 8.88 25.10
N ILE B 327 21.49 7.66 24.78
CA ILE B 327 20.78 6.85 25.77
C ILE B 327 21.70 6.41 26.89
N VAL B 328 22.93 5.98 26.56
CA VAL B 328 23.82 5.45 27.58
C VAL B 328 24.26 6.55 28.55
N GLU B 329 24.38 7.78 28.07
CA GLU B 329 24.86 8.86 28.92
C GLU B 329 23.79 9.31 29.92
N GLU B 330 22.57 9.49 29.45
CA GLU B 330 21.51 10.00 30.33
C GLU B 330 21.05 8.96 31.34
N ILE B 331 21.09 7.68 30.97
CA ILE B 331 20.86 6.63 31.96
C ILE B 331 21.93 6.68 33.03
N GLU B 332 23.15 7.02 32.65
CA GLU B 332 24.27 7.14 33.60
C GLU B 332 24.22 8.44 34.40
N LYS B 333 23.37 9.40 34.02
CA LYS B 333 23.24 10.66 34.73
C LYS B 333 22.06 10.67 35.70
N VAL B 334 20.84 10.50 35.17
CA VAL B 334 19.64 10.60 35.99
C VAL B 334 19.65 9.57 37.11
N THR B 335 20.33 8.45 36.91
CA THR B 335 20.50 7.44 37.95
C THR B 335 21.82 7.57 38.68
N ASN B 336 22.75 8.40 38.19
CA ASN B 336 24.07 8.60 38.78
C ASN B 336 24.79 7.27 38.95
N THR B 337 24.86 6.51 37.85
CA THR B 337 25.49 5.21 37.83
C THR B 337 26.44 5.15 36.64
N ILE B 338 27.38 4.21 36.70
CA ILE B 338 28.35 3.98 35.62
C ILE B 338 28.22 2.54 35.19
N LEU B 339 27.83 2.34 33.93
CA LEU B 339 27.62 1.01 33.37
C LEU B 339 28.87 0.58 32.61
N GLU B 340 29.47 -0.53 33.03
CA GLU B 340 30.72 -1.00 32.46
C GLU B 340 30.46 -1.90 31.27
N GLN B 341 31.21 -1.68 30.19
CA GLN B 341 31.06 -2.53 29.01
C GLN B 341 31.87 -3.81 29.17
N PRO B 342 31.35 -4.96 28.70
CA PRO B 342 30.05 -5.09 28.01
C PRO B 342 28.85 -4.98 28.95
N PHE B 343 27.75 -4.43 28.44
CA PHE B 343 26.57 -4.21 29.26
C PHE B 343 25.91 -5.50 29.69
N ASP B 344 26.13 -6.60 28.98
CA ASP B 344 25.56 -7.89 29.34
C ASP B 344 26.46 -8.70 30.27
N SER B 345 27.50 -8.09 30.83
CA SER B 345 28.30 -8.76 31.83
C SER B 345 27.48 -9.00 33.09
N ASN B 346 27.85 -10.05 33.84
CA ASN B 346 27.09 -10.42 35.04
C ASN B 346 27.17 -9.36 36.13
N GLU B 347 27.99 -8.33 35.98
CA GLU B 347 28.10 -7.25 36.95
C GLU B 347 27.23 -6.05 36.58
N THR B 348 27.28 -5.63 35.32
CA THR B 348 26.45 -4.50 34.89
C THR B 348 24.98 -4.90 34.77
N ILE B 349 24.70 -6.15 34.39
CA ILE B 349 23.33 -6.64 34.39
C ILE B 349 22.74 -6.54 35.79
N GLU B 350 23.51 -6.94 36.80
CA GLU B 350 23.05 -6.84 38.18
C GLU B 350 22.91 -5.37 38.60
N LYS B 351 23.81 -4.51 38.13
CA LYS B 351 23.75 -3.10 38.49
C LYS B 351 22.52 -2.43 37.89
N MET B 352 22.15 -2.80 36.66
CA MET B 352 20.95 -2.25 36.06
C MET B 352 19.70 -2.75 36.77
N ILE B 353 19.70 -4.01 37.18
CA ILE B 353 18.57 -4.55 37.93
C ILE B 353 18.43 -3.82 39.26
N ASN B 354 19.55 -3.47 39.89
CA ASN B 354 19.51 -2.74 41.15
C ASN B 354 18.83 -1.39 40.98
N ILE B 355 19.07 -0.71 39.85
CA ILE B 355 18.41 0.56 39.61
C ILE B 355 16.94 0.35 39.30
N ILE B 356 16.59 -0.75 38.64
CA ILE B 356 15.19 -1.05 38.34
C ILE B 356 14.40 -1.26 39.62
N LYS B 357 15.03 -1.87 40.64
CA LYS B 357 14.35 -2.13 41.91
C LYS B 357 14.37 -0.94 42.85
N GLU B 358 15.39 -0.07 42.76
CA GLU B 358 15.43 1.11 43.61
C GLU B 358 14.35 2.11 43.23
N HIS B 359 14.37 2.49 41.94
CA HIS B 359 13.38 3.43 41.35
C HIS B 359 12.04 2.72 41.12
N LYS B 360 12.00 1.43 41.47
CA LYS B 360 10.80 0.58 41.41
C LYS B 360 10.19 0.57 40.02
N ILE B 361 10.79 -0.16 39.11
CA ILE B 361 10.17 -0.18 37.77
C ILE B 361 9.87 -1.62 37.40
N GLU B 362 8.89 -1.80 36.55
CA GLU B 362 8.59 -3.14 36.06
C GLU B 362 9.82 -3.73 35.40
N LEU B 363 10.43 -4.72 36.05
CA LEU B 363 11.62 -5.34 35.49
C LEU B 363 11.23 -6.25 34.32
N PRO B 364 11.86 -6.09 33.16
CA PRO B 364 11.46 -6.90 32.00
C PRO B 364 11.73 -8.38 32.23
N ASN B 365 11.11 -9.20 31.38
CA ASN B 365 11.17 -10.65 31.49
C ASN B 365 11.53 -11.24 30.14
N PRO B 366 12.70 -11.87 29.98
CA PRO B 366 13.76 -12.04 31.00
C PRO B 366 14.68 -10.82 31.10
N PRO B 367 15.46 -10.72 32.18
CA PRO B 367 16.36 -9.56 32.34
C PRO B 367 17.57 -9.62 31.42
N THR B 368 17.40 -9.22 30.16
CA THR B 368 18.51 -9.06 29.24
C THR B 368 19.04 -7.64 29.31
N ALA B 369 20.33 -7.48 29.01
CA ALA B 369 20.94 -6.15 29.04
C ALA B 369 20.28 -5.21 28.05
N ALA B 370 19.75 -5.74 26.94
CA ALA B 370 19.04 -4.91 25.99
C ALA B 370 17.68 -4.47 26.54
N LYS B 371 16.97 -5.39 27.18
CA LYS B 371 15.66 -5.04 27.75
C LYS B 371 15.81 -4.20 29.01
N LEU B 372 16.86 -4.43 29.80
CA LEU B 372 17.10 -3.60 30.97
C LEU B 372 17.49 -2.18 30.58
N LEU B 373 18.31 -2.04 29.53
CA LEU B 373 18.65 -0.71 29.03
C LEU B 373 17.44 -0.02 28.42
N ASP B 374 16.62 -0.78 27.68
CA ASP B 374 15.41 -0.19 27.10
C ASP B 374 14.43 0.23 28.19
N GLN B 375 14.26 -0.61 29.22
CA GLN B 375 13.38 -0.24 30.33
C GLN B 375 13.94 0.95 31.10
N LEU B 376 15.27 1.01 31.25
CA LEU B 376 15.88 2.14 31.92
C LEU B 376 15.69 3.43 31.13
N ALA B 377 15.65 3.34 29.80
CA ALA B 377 15.45 4.52 28.98
C ALA B 377 13.98 4.92 28.90
N SER B 378 13.08 3.95 29.03
CA SER B 378 11.64 4.23 28.91
C SER B 378 11.11 5.04 30.08
N HIS B 379 11.82 5.07 31.20
CA HIS B 379 11.39 5.80 32.40
C HIS B 379 12.20 7.05 32.68
N PHE B 380 13.51 7.01 32.43
CA PHE B 380 14.39 8.13 32.76
C PHE B 380 14.66 9.05 31.58
N ILE B 381 14.26 8.68 30.37
CA ILE B 381 14.66 9.45 29.18
C ILE B 381 13.45 9.78 28.31
N GLU B 382 12.63 8.79 27.99
CA GLU B 382 11.61 8.97 26.96
C GLU B 382 10.56 9.99 27.38
N ASN B 383 10.01 9.86 28.59
CA ASN B 383 9.04 10.82 29.09
C ASN B 383 9.73 11.93 29.88
N LYS B 384 10.69 12.57 29.21
CA LYS B 384 11.39 13.74 29.72
C LYS B 384 11.08 15.02 28.96
N TYR B 385 10.74 14.90 27.68
CA TYR B 385 10.64 16.06 26.78
C TYR B 385 9.41 15.83 25.90
N ASN B 386 8.35 16.60 26.15
CA ASN B 386 7.07 16.39 25.48
C ASN B 386 6.58 17.59 24.68
N ASP B 387 7.13 18.78 24.90
CA ASP B 387 6.67 19.98 24.21
C ASP B 387 7.26 20.12 22.81
N LYS B 388 7.99 19.12 22.33
CA LYS B 388 8.69 19.16 21.04
C LYS B 388 9.34 17.80 20.82
N PRO B 389 9.40 17.30 19.59
CA PRO B 389 10.04 15.99 19.36
C PRO B 389 11.52 16.04 19.63
N PHE B 390 12.08 14.87 19.93
CA PHE B 390 13.50 14.74 20.22
C PHE B 390 13.97 13.34 19.85
N PHE B 391 15.27 13.21 19.64
CA PHE B 391 15.89 11.94 19.25
C PHE B 391 16.60 11.31 20.45
N ILE B 392 16.53 9.98 20.53
CA ILE B 392 17.39 9.19 21.39
C ILE B 392 18.42 8.52 20.50
N VAL B 393 19.69 8.85 20.71
CA VAL B 393 20.74 8.48 19.75
C VAL B 393 21.74 7.55 20.42
N GLU B 394 22.51 6.85 19.57
CA GLU B 394 23.67 6.07 19.97
C GLU B 394 23.29 4.95 20.94
N HIS B 395 22.46 4.03 20.45
CA HIS B 395 22.12 2.85 21.22
C HIS B 395 23.26 1.84 21.17
N PRO B 396 23.47 1.09 22.24
CA PRO B 396 24.47 0.02 22.21
C PRO B 396 24.12 -1.03 21.18
N GLN B 397 25.15 -1.68 20.64
CA GLN B 397 24.93 -2.71 19.62
C GLN B 397 24.28 -3.96 20.21
N ILE B 398 24.28 -4.11 21.53
CA ILE B 398 23.49 -5.18 22.15
C ILE B 398 22.02 -4.94 21.92
N MET B 399 21.62 -3.67 21.74
CA MET B 399 20.25 -3.30 21.43
C MET B 399 20.01 -3.12 19.93
N SER B 400 21.07 -3.10 19.12
CA SER B 400 20.97 -2.81 17.70
C SER B 400 21.79 -3.84 16.92
N PRO B 401 21.18 -4.96 16.53
CA PRO B 401 21.95 -6.00 15.84
C PRO B 401 22.28 -5.67 14.40
N LEU B 402 21.43 -4.90 13.72
CA LEU B 402 21.64 -4.58 12.31
C LEU B 402 22.14 -3.15 12.08
N ALA B 403 22.41 -2.40 13.14
CA ALA B 403 22.94 -1.06 13.01
C ALA B 403 24.46 -1.10 12.99
N LYS B 404 25.04 -0.30 12.09
CA LYS B 404 26.50 -0.26 11.98
C LYS B 404 27.13 0.24 13.26
N TYR B 405 28.29 -0.33 13.60
CA TYR B 405 29.02 0.07 14.79
C TYR B 405 29.30 1.57 14.76
N HIS B 406 29.36 2.16 15.94
CA HIS B 406 29.63 3.60 16.04
C HIS B 406 31.07 3.89 15.62
N ARG B 407 31.25 4.96 14.85
CA ARG B 407 32.51 5.28 14.21
C ARG B 407 33.47 6.07 15.11
N THR B 408 33.14 6.27 16.38
CA THR B 408 34.08 6.97 17.30
C THR B 408 34.03 6.35 18.70
N LYS B 409 32.83 6.07 19.18
CA LYS B 409 32.63 5.52 20.52
C LYS B 409 32.44 4.02 20.39
N PRO B 410 33.28 3.16 20.96
CA PRO B 410 33.04 1.74 20.88
C PRO B 410 31.81 1.25 21.64
N GLY B 411 31.26 0.13 21.21
CA GLY B 411 30.12 -0.49 21.90
C GLY B 411 28.78 0.08 21.50
N LEU B 412 28.78 1.27 20.91
CA LEU B 412 27.56 1.95 20.50
C LEU B 412 27.36 1.81 18.99
N THR B 413 26.25 2.37 18.50
CA THR B 413 25.94 2.39 17.08
C THR B 413 25.54 3.81 16.68
N GLU B 414 25.22 3.97 15.41
CA GLU B 414 24.75 5.26 14.88
C GLU B 414 23.24 5.23 14.66
N ARG B 415 22.52 5.01 15.76
CA ARG B 415 21.08 4.83 15.75
C ARG B 415 20.39 6.09 16.25
N LEU B 416 19.12 6.25 15.85
CA LEU B 416 18.32 7.37 16.31
C LEU B 416 16.86 6.93 16.40
N GLU B 417 16.17 7.41 17.44
CA GLU B 417 14.75 7.15 17.64
C GLU B 417 14.09 8.47 18.00
N MET B 418 13.13 8.91 17.19
CA MET B 418 12.40 10.13 17.48
C MET B 418 11.14 9.82 18.27
N PHE B 419 10.83 10.66 19.25
CA PHE B 419 9.70 10.46 20.13
C PHE B 419 8.79 11.68 20.12
N ILE B 420 7.50 11.42 20.27
CA ILE B 420 6.49 12.46 20.43
C ILE B 420 5.63 12.08 21.64
N CYS B 421 5.63 12.94 22.65
CA CYS B 421 4.90 12.69 23.90
C CYS B 421 5.34 11.40 24.57
N GLY B 422 6.61 11.03 24.38
CA GLY B 422 7.14 9.82 25.00
C GLY B 422 6.79 8.54 24.30
N LYS B 423 6.44 8.60 23.01
CA LYS B 423 6.12 7.40 22.24
C LYS B 423 6.95 7.38 20.97
N GLU B 424 7.50 6.20 20.67
CA GLU B 424 8.37 6.03 19.51
C GLU B 424 7.57 6.09 18.22
N VAL B 425 7.98 6.98 17.31
CA VAL B 425 7.35 7.11 16.00
C VAL B 425 8.35 6.96 14.86
N LEU B 426 9.62 6.77 15.15
CA LEU B 426 10.65 6.72 14.12
C LEU B 426 11.83 5.92 14.62
N ASN B 427 12.41 5.11 13.75
CA ASN B 427 13.61 4.35 14.06
C ASN B 427 14.51 4.32 12.83
N ALA B 428 15.77 4.69 13.01
CA ALA B 428 16.71 4.79 11.90
C ALA B 428 18.12 4.59 12.42
N TYR B 429 19.01 4.21 11.51
CA TYR B 429 20.43 4.09 11.83
C TYR B 429 21.21 3.91 10.53
N THR B 430 22.53 4.04 10.64
CA THR B 430 23.42 3.68 9.53
C THR B 430 23.48 2.17 9.42
N GLU B 431 23.14 1.65 8.25
CA GLU B 431 22.98 0.21 8.08
C GLU B 431 24.34 -0.50 8.18
N LEU B 432 24.39 -1.55 8.99
CA LEU B 432 25.57 -2.40 9.06
C LEU B 432 25.72 -3.15 7.75
N ASN B 433 26.86 -2.98 7.08
CA ASN B 433 27.10 -3.61 5.80
C ASN B 433 28.24 -4.63 5.83
N ASP B 434 28.95 -4.76 6.94
CA ASP B 434 29.99 -5.76 7.05
C ASP B 434 29.37 -7.10 7.43
N PRO B 435 29.44 -8.12 6.58
CA PRO B 435 28.89 -9.43 6.96
C PRO B 435 29.68 -10.10 8.07
N PHE B 436 30.96 -9.78 8.22
CA PHE B 436 31.78 -10.39 9.27
C PHE B 436 31.47 -9.80 10.63
N LYS B 437 31.16 -8.50 10.70
CA LYS B 437 30.77 -7.88 11.96
C LYS B 437 29.35 -8.24 12.38
N GLN B 438 28.59 -8.88 11.51
CA GLN B 438 27.24 -9.36 11.84
C GLN B 438 27.36 -10.78 12.35
N LYS B 439 27.39 -10.92 13.68
CA LYS B 439 27.59 -12.23 14.29
C LYS B 439 26.34 -13.10 14.25
N GLU B 440 25.16 -12.51 14.06
CA GLU B 440 23.96 -13.31 13.87
C GLU B 440 24.01 -14.13 12.59
N CYS B 441 24.82 -13.71 11.62
CA CYS B 441 25.02 -14.46 10.38
C CYS B 441 26.12 -15.51 10.50
N PHE B 442 26.44 -15.92 11.73
CA PHE B 442 27.53 -16.86 12.03
C PHE B 442 28.77 -16.67 11.17
N LEU B 459 17.14 -14.23 11.89
CA LEU B 459 17.66 -13.65 10.66
C LEU B 459 17.53 -14.61 9.48
N ASP B 460 17.18 -14.06 8.32
CA ASP B 460 17.13 -14.84 7.09
C ASP B 460 18.54 -15.10 6.58
N SER B 461 18.83 -16.36 6.27
CA SER B 461 20.11 -16.69 5.67
C SER B 461 20.25 -16.13 4.26
N ALA B 462 19.12 -15.84 3.59
CA ALA B 462 19.17 -15.17 2.30
C ALA B 462 19.62 -13.71 2.45
N PHE B 463 19.28 -13.08 3.58
CA PHE B 463 19.76 -11.72 3.84
C PHE B 463 21.26 -11.73 4.11
N CYS B 464 21.72 -12.66 4.95
CA CYS B 464 23.15 -12.74 5.27
C CYS B 464 23.98 -12.98 4.02
N THR B 465 23.50 -13.83 3.12
CA THR B 465 24.22 -14.07 1.86
C THR B 465 24.25 -12.81 1.02
N SER B 466 23.17 -12.02 1.02
CA SER B 466 23.14 -10.79 0.26
C SER B 466 24.15 -9.77 0.78
N LEU B 467 24.48 -9.84 2.07
CA LEU B 467 25.51 -8.96 2.61
C LEU B 467 26.89 -9.30 2.06
N GLU B 468 27.15 -10.59 1.81
CA GLU B 468 28.45 -11.00 1.26
C GLU B 468 28.65 -10.52 -0.17
N TYR B 469 27.57 -10.17 -0.87
CA TYR B 469 27.69 -9.64 -2.22
C TYR B 469 27.94 -8.13 -2.25
N GLY B 470 28.10 -7.50 -1.10
CA GLY B 470 28.43 -6.09 -1.05
C GLY B 470 27.22 -5.20 -0.87
N LEU B 471 27.00 -4.74 0.36
CA LEU B 471 25.97 -3.75 0.64
C LEU B 471 26.62 -2.38 0.73
N PRO B 472 26.29 -1.44 -0.15
CA PRO B 472 26.91 -0.12 -0.08
C PRO B 472 26.56 0.58 1.22
N PRO B 473 27.34 1.57 1.64
CA PRO B 473 27.00 2.34 2.85
C PRO B 473 25.60 2.92 2.72
N THR B 474 24.70 2.47 3.61
CA THR B 474 23.28 2.76 3.49
C THR B 474 22.74 3.28 4.80
N GLY B 475 21.79 4.21 4.70
CA GLY B 475 21.04 4.69 5.85
C GLY B 475 19.56 4.44 5.69
N GLY B 476 18.98 3.65 6.59
CA GLY B 476 17.56 3.32 6.54
C GLY B 476 16.80 3.99 7.67
N LEU B 477 15.50 4.19 7.44
CA LEU B 477 14.64 4.84 8.42
C LEU B 477 13.26 4.22 8.35
N GLY B 478 12.66 4.01 9.52
CA GLY B 478 11.32 3.44 9.62
C GLY B 478 10.38 4.41 10.32
N LEU B 479 9.16 4.52 9.80
CA LEU B 479 8.16 5.44 10.33
C LEU B 479 6.93 4.67 10.80
N GLY B 480 6.40 5.09 11.95
CA GLY B 480 5.16 4.55 12.45
C GLY B 480 3.98 5.40 12.05
N ILE B 481 3.26 4.99 11.00
CA ILE B 481 2.22 5.82 10.41
C ILE B 481 1.09 6.07 11.41
N ASP B 482 0.68 5.05 12.15
CA ASP B 482 -0.48 5.17 13.02
C ASP B 482 -0.21 6.11 14.18
N ARG B 483 0.95 5.98 14.82
CA ARG B 483 1.28 6.86 15.94
C ARG B 483 1.48 8.30 15.49
N ILE B 484 2.06 8.49 14.29
CA ILE B 484 2.23 9.82 13.75
C ILE B 484 0.88 10.48 13.50
N THR B 485 -0.07 9.72 12.94
CA THR B 485 -1.41 10.25 12.69
C THR B 485 -2.13 10.56 14.00
N MET B 486 -1.84 9.80 15.05
CA MET B 486 -2.48 10.06 16.35
C MET B 486 -2.17 11.46 16.85
N PHE B 487 -0.89 11.83 16.87
CA PHE B 487 -0.51 13.13 17.42
C PHE B 487 -0.85 14.28 16.49
N LEU B 488 -1.00 14.03 15.20
CA LEU B 488 -1.40 15.07 14.25
C LEU B 488 -2.91 15.20 14.13
N THR B 489 -3.68 14.37 14.84
CA THR B 489 -5.13 14.45 14.85
C THR B 489 -5.69 14.66 16.25
N ASN B 490 -4.83 14.88 17.25
CA ASN B 490 -5.24 15.06 18.64
C ASN B 490 -6.03 13.84 19.13
N LYS B 491 -5.41 12.67 19.00
CA LYS B 491 -6.02 11.41 19.38
C LYS B 491 -5.19 10.73 20.46
N ASN B 492 -5.87 10.15 21.44
CA ASN B 492 -5.21 9.45 22.55
C ASN B 492 -5.11 7.95 22.33
N SER B 493 -5.88 7.39 21.40
CA SER B 493 -5.91 5.96 21.17
C SER B 493 -5.68 5.66 19.69
N ILE B 494 -4.97 4.56 19.42
CA ILE B 494 -4.71 4.16 18.05
C ILE B 494 -5.97 3.62 17.38
N LYS B 495 -6.96 3.19 18.16
CA LYS B 495 -8.23 2.74 17.60
C LYS B 495 -8.98 3.85 16.89
N ASP B 496 -8.58 5.11 17.06
CA ASP B 496 -9.26 6.24 16.45
C ASP B 496 -8.63 6.68 15.13
N VAL B 497 -7.48 6.12 14.75
CA VAL B 497 -6.85 6.38 13.47
C VAL B 497 -6.92 5.20 12.54
N ILE B 498 -7.52 4.09 12.97
CA ILE B 498 -7.73 2.91 12.13
C ILE B 498 -9.23 2.79 11.88
N LEU B 499 -9.60 2.57 10.61
CA LEU B 499 -11.01 2.50 10.25
C LEU B 499 -11.72 1.35 10.96
N PHE B 500 -11.09 0.17 10.99
CA PHE B 500 -11.67 -1.02 11.59
C PHE B 500 -10.63 -1.70 12.47
N PRO B 501 -10.48 -1.26 13.72
CA PRO B 501 -9.56 -1.93 14.63
C PRO B 501 -10.07 -3.32 14.99
N THR B 502 -9.14 -4.27 15.04
CA THR B 502 -9.50 -5.66 15.30
C THR B 502 -9.89 -5.84 16.76
N MET B 503 -11.12 -6.30 16.99
CA MET B 503 -11.64 -6.51 18.34
C MET B 503 -12.41 -7.82 18.38
N ARG B 504 -12.85 -8.19 19.58
CA ARG B 504 -13.53 -9.44 19.82
C ARG B 504 -15.04 -9.24 19.78
N PRO B 505 -15.78 -10.00 18.96
CA PRO B 505 -17.22 -9.83 18.78
C PRO B 505 -18.02 -10.10 20.06
N LYS C . -13.80 -8.27 -4.50
CA LYS C . -14.09 -8.86 -5.82
C LYS C . -13.14 -10.02 -6.02
O LYS C . -12.84 -10.30 -7.16
CB LYS C . -13.77 -7.86 -6.92
CG LYS C . -14.64 -6.62 -6.90
CD LYS C . -16.06 -6.89 -7.23
CE LYS C . -16.88 -5.63 -7.30
NZ LYS C . -17.07 -5.08 -5.95
OXT LYS C . -12.73 -10.60 -5.06
N E5C D . -8.23 -12.05 -10.00
C E5C D . -3.39 -15.43 -7.07
O E5C D . -2.12 -14.95 -7.01
C1 E5C D . -3.75 -16.47 -6.23
C10 E5C D . -10.06 -10.56 -10.68
C11 E5C D . -9.83 -9.71 -9.43
C12 E5C D . -9.15 -10.50 -8.32
C13 E5C D . -8.80 -9.61 -7.12
C14 E5C D . -7.54 -8.79 -7.29
C15 E5C D . -4.32 -14.89 -7.98
C16 E5C D . -3.94 -13.80 -8.86
C2 E5C D . -5.03 -16.98 -6.28
C3 E5C D . -5.97 -16.46 -7.15
C4 E5C D . -5.63 -15.42 -8.02
C5 E5C D . -6.61 -14.83 -9.00
C6 E5C D . -6.29 -13.38 -9.26
C7 E5C D . -7.07 -12.82 -10.44
C8 E5C D . -7.89 -11.16 -8.89
C9 E5C D . -8.79 -11.26 -11.10
O1 E5C D . -5.40 -18.00 -5.44
O2 E5C D . -4.88 -13.24 -9.65
O3 E5C D . -2.82 -13.34 -8.95
P PO4 E . -8.66 -17.83 -11.54
O1 PO4 E . -7.81 -18.53 -12.57
O2 PO4 E . -8.81 -16.38 -11.93
O3 PO4 E . -10.03 -18.48 -11.49
O4 PO4 E . -8.01 -17.92 -10.18
P PO4 F . -19.37 11.89 -10.08
O1 PO4 F . -18.22 11.01 -10.54
O2 PO4 F . -20.55 11.02 -9.72
O3 PO4 F . -19.75 12.85 -11.18
O4 PO4 F . -18.93 12.66 -8.85
P PO4 G . 22.08 11.56 -3.34
O1 PO4 G . 22.01 11.51 -4.85
O2 PO4 G . 23.03 12.67 -2.94
O3 PO4 G . 22.60 10.25 -2.82
O4 PO4 G . 20.71 11.84 -2.78
N LYS H . 12.67 -2.23 11.26
CA LYS H . 12.89 -1.06 12.13
C LYS H . 11.79 -1.03 13.18
O LYS H . 11.11 -2.04 13.31
CB LYS H . 12.80 0.23 11.31
CG LYS H . 13.87 0.38 10.25
CD LYS H . 15.22 0.57 10.84
CE LYS H . 16.27 0.82 9.79
NZ LYS H . 16.53 -0.42 9.03
OXT LYS H . 11.65 -0.04 13.84
N E5C I . 7.23 1.65 15.83
C E5C I . 1.89 -1.90 17.46
O E5C I . 0.66 -1.59 17.00
C1 E5C I . 2.07 -3.12 18.06
C10 E5C I . 9.46 2.54 15.69
C11 E5C I . 9.39 2.46 14.17
C12 E5C I . 8.40 1.43 13.71
C13 E5C I . 8.24 1.40 12.21
C14 E5C I . 8.01 0.06 11.68
C15 E5C I . 2.94 -0.97 17.37
C16 E5C I . 2.71 0.34 16.83
C2 E5C I . 3.30 -3.44 18.61
C3 E5C I . 4.35 -2.55 18.51
C4 E5C I . 4.19 -1.33 17.88
C5 E5C I . 5.34 -0.38 17.67
C6 E5C I . 5.09 0.51 16.51
C7 E5C I . 5.95 1.74 16.53
C8 E5C I . 7.08 1.72 14.39
C9 E5C I . 8.10 2.72 16.25
O1 E5C I . 3.44 -4.60 19.28
O2 E5C I . 3.78 1.13 16.63
O3 E5C I . 1.64 0.78 16.54
P PO4 J . 7.02 -0.01 22.20
O1 PO4 J . 7.93 0.45 21.08
O2 PO4 J . 5.74 -0.55 21.62
O3 PO4 J . 6.71 1.16 23.11
O4 PO4 J . 7.70 -1.09 22.99
P PO4 K . 24.87 13.97 16.88
O1 PO4 K . 24.60 14.10 15.39
O2 PO4 K . 26.06 14.83 17.25
O3 PO4 K . 25.18 12.53 17.21
O4 PO4 K . 23.66 14.42 17.66
#